data_3TBA
#
_entry.id   3TBA
#
_cell.length_a   107.772
_cell.length_b   118.086
_cell.length_c   67.710
_cell.angle_alpha   90.00
_cell.angle_beta   90.00
_cell.angle_gamma   90.00
#
_symmetry.space_group_name_H-M   'P 21 21 2'
#
loop_
_entity.id
_entity.type
_entity.pdbx_description
1 polymer 'Ribonucleoside-diphosphate reductase large chain 1'
2 non-polymer 'MAGNESIUM ION'
3 non-polymer "2'-DEOXYGUANOSINE-5'-TRIPHOSPHATE"
4 non-polymer "ADENOSINE-5'-DIPHOSPHATE"
5 water water
#
_entity_poly.entity_id   1
_entity_poly.type   'polypeptide(L)'
_entity_poly.pdbx_seq_one_letter_code
;MYVYKRDGRKEPVQFDKITARISRLCYGLDPKHIDAVKVTQRIISGVYEGVTTIELDNLAAETCAYMTTVHPDYATLAAR
IAISNLHKQTTKQFSKVVEDLYRYVNAATGKPAPMISDDVYNIVMENKDKLNSAIVYDRDFQYSYFGFKTLERSYLLRIN
GQVAERPQHLIMRVALGIHGRDIEAALETYNLMSLKYFTHASPTLFNAGTPKPQMSSCFLVAMKEDSIEGIYDTLKECAL
ISKTAGGIGLHIHNIRSTGSYIAGTNGTSNGLIPMIRVFNNTARYVDAGGNKRPGAFALYLEPWHADIFDFIDIRKNHGK
EEIRARDLFPALWIPDLFMKRVEENGTWTLFSPTSAPGLSDCYGDEFEALYTRYEKEGRGKTIKAQKLWYSILEAQTETG
TPFVVYKDACNRKSNQKNLGVIKSSNLCCEIVEYSAPDETAVCNLASVALPAFIETSEDGKTSTYNFKKLHEIAKVVTRN
LNRVIDRNYYPVEEARKSNMRHRPIALGVQGLADTFMLLRLPFDSEEARLLNIQIFETIYHASMEASCELAQKDGPYETF
QGSPASQGILQFDMWDQKPYGMWDWDTLRKDIMKHGVRNSLTMAPMPTASTSQILGYNECFEPVTSNMYSRRVLSGEFQV
VNPYLLRDLVDLGIWDEGMKQYLITQNGSIQGLPNVPQELKDLYKTVWEISQKTIINMAADRSVYIDQSHSLNLFLRAPT
MGKLTSMHFYGWKKGLKTGMYYLRTQAASAAIQFTIDQKIADQATENVADISNLKRPSYMPSSASYAASDFVPAAVTANA
TIPSLDSSSEASREASPAPTGSHSLTKGMAELNVQESKVEVPEVPAPTKNEEKAAPIVDDEETEFDIYNSKVIACAIDNP
EACEMCSG
;
_entity_poly.pdbx_strand_id   A
#
loop_
_chem_comp.id
_chem_comp.type
_chem_comp.name
_chem_comp.formula
ADP non-polymer ADENOSINE-5'-DIPHOSPHATE 'C10 H15 N5 O10 P2'
DGT non-polymer 2'-DEOXYGUANOSINE-5'-TRIPHOSPHATE 'C10 H16 N5 O13 P3'
MG non-polymer 'MAGNESIUM ION' 'Mg 2'
#
# COMPACT_ATOMS: atom_id res chain seq x y z
N ALA A 78 -23.70 -21.17 9.64
CA ALA A 78 -23.43 -20.53 10.96
C ALA A 78 -23.18 -19.01 10.85
N ALA A 79 -22.89 -18.54 9.64
CA ALA A 79 -22.58 -17.12 9.38
C ALA A 79 -23.56 -16.41 8.44
N ARG A 80 -24.76 -16.96 8.32
CA ARG A 80 -25.92 -16.26 7.75
C ARG A 80 -26.83 -15.89 8.92
N ILE A 81 -26.53 -16.46 10.09
CA ILE A 81 -27.20 -16.18 11.36
C ILE A 81 -26.95 -14.73 11.81
N ALA A 82 -25.71 -14.26 11.64
CA ALA A 82 -25.35 -12.87 11.96
C ALA A 82 -25.60 -11.89 10.78
N ILE A 83 -25.70 -12.42 9.56
CA ILE A 83 -26.05 -11.62 8.38
C ILE A 83 -27.55 -11.24 8.36
N SER A 84 -28.41 -12.24 8.57
CA SER A 84 -29.87 -12.09 8.51
C SER A 84 -30.53 -11.60 9.81
N ASN A 85 -29.73 -10.96 10.66
CA ASN A 85 -30.24 -10.17 11.78
C ASN A 85 -30.09 -8.68 11.50
N LEU A 86 -29.11 -8.34 10.67
CA LEU A 86 -28.92 -6.96 10.20
C LEU A 86 -30.00 -6.61 9.19
N HIS A 87 -30.35 -7.57 8.34
CA HIS A 87 -31.48 -7.44 7.40
C HIS A 87 -32.79 -7.30 8.17
N LYS A 88 -32.82 -7.91 9.37
CA LYS A 88 -33.93 -7.80 10.29
C LYS A 88 -34.04 -6.37 10.86
N GLN A 89 -32.94 -5.87 11.42
CA GLN A 89 -32.92 -4.55 12.07
C GLN A 89 -32.31 -3.43 11.22
N THR A 90 -32.77 -3.32 9.96
CA THR A 90 -32.38 -2.24 9.05
C THR A 90 -33.48 -1.93 8.03
N THR A 91 -33.67 -0.63 7.76
CA THR A 91 -34.53 -0.11 6.68
C THR A 91 -34.14 -0.72 5.33
N LYS A 92 -35.10 -0.94 4.45
CA LYS A 92 -34.79 -1.43 3.10
C LYS A 92 -34.39 -0.26 2.20
N GLN A 93 -35.38 0.51 1.76
CA GLN A 93 -35.19 1.63 0.82
C GLN A 93 -33.98 2.53 1.14
N PHE A 94 -33.10 2.62 0.15
CA PHE A 94 -31.82 3.33 0.21
C PHE A 94 -31.99 4.84 0.49
N SER A 95 -32.85 5.50 -0.28
CA SER A 95 -33.07 6.94 -0.10
C SER A 95 -33.60 7.27 1.29
N LYS A 96 -34.40 6.38 1.88
CA LYS A 96 -34.78 6.57 3.26
C LYS A 96 -33.59 6.47 4.21
N VAL A 97 -32.71 5.50 3.97
CA VAL A 97 -31.47 5.40 4.73
C VAL A 97 -30.67 6.69 4.58
N VAL A 98 -30.58 7.24 3.36
CA VAL A 98 -29.86 8.51 3.11
C VAL A 98 -30.46 9.66 3.92
N GLU A 99 -31.78 9.84 3.79
CA GLU A 99 -32.55 10.85 4.54
C GLU A 99 -32.25 10.69 6.04
N ASP A 100 -32.47 9.50 6.57
CA ASP A 100 -32.09 9.17 7.94
C ASP A 100 -30.70 9.70 8.33
N LEU A 101 -29.69 9.35 7.52
CA LEU A 101 -28.31 9.77 7.76
C LEU A 101 -28.15 11.29 7.65
N TYR A 102 -28.69 11.87 6.58
CA TYR A 102 -28.62 13.31 6.32
C TYR A 102 -29.31 14.19 7.38
N ARG A 103 -30.30 13.65 8.08
CA ARG A 103 -31.11 14.42 9.05
C ARG A 103 -30.66 14.16 10.48
N TYR A 104 -29.62 13.33 10.62
CA TYR A 104 -29.14 12.91 11.95
C TYR A 104 -28.79 14.07 12.89
N VAL A 105 -29.07 13.88 14.17
CA VAL A 105 -28.83 14.89 15.20
C VAL A 105 -28.26 14.19 16.42
N ASN A 106 -27.22 14.78 16.98
CA ASN A 106 -26.54 14.23 18.13
C ASN A 106 -27.34 14.45 19.42
N ALA A 107 -28.06 13.42 19.87
CA ALA A 107 -28.98 13.55 21.03
C ALA A 107 -28.37 14.18 22.28
N ALA A 108 -27.16 13.76 22.65
CA ALA A 108 -26.51 14.27 23.86
C ALA A 108 -26.12 15.75 23.76
N THR A 109 -26.33 16.36 22.59
CA THR A 109 -25.80 17.69 22.30
C THR A 109 -26.81 18.63 21.66
N GLY A 110 -27.75 18.05 20.92
CA GLY A 110 -28.72 18.83 20.17
C GLY A 110 -28.22 19.57 18.93
N LYS A 111 -27.03 19.23 18.43
CA LYS A 111 -26.54 19.87 17.17
C LYS A 111 -26.69 19.00 15.92
N PRO A 112 -27.08 19.61 14.78
CA PRO A 112 -27.32 18.79 13.60
C PRO A 112 -26.00 18.21 13.08
N ALA A 113 -25.93 16.88 13.01
CA ALA A 113 -24.72 16.18 12.59
C ALA A 113 -24.94 15.38 11.29
N PRO A 114 -25.12 16.07 10.15
CA PRO A 114 -25.44 15.38 8.90
C PRO A 114 -24.31 14.43 8.49
N MET A 115 -24.63 13.16 8.28
CA MET A 115 -23.60 12.20 7.87
C MET A 115 -23.49 12.04 6.33
N ILE A 116 -24.13 12.94 5.58
CA ILE A 116 -24.04 13.02 4.10
C ILE A 116 -23.88 14.47 3.64
N SER A 117 -23.13 14.71 2.56
CA SER A 117 -22.98 16.08 2.01
C SER A 117 -24.22 16.58 1.25
N ASP A 118 -24.35 17.89 1.16
CA ASP A 118 -25.44 18.53 0.45
C ASP A 118 -25.51 18.00 -0.96
N ASP A 119 -24.45 18.28 -1.71
CA ASP A 119 -24.17 17.72 -3.03
C ASP A 119 -24.77 16.31 -3.30
N VAL A 120 -24.31 15.29 -2.58
CA VAL A 120 -24.83 13.91 -2.74
C VAL A 120 -26.30 13.75 -2.32
N TYR A 121 -26.72 14.45 -1.27
CA TYR A 121 -28.13 14.43 -0.88
C TYR A 121 -29.03 14.83 -2.05
N ASN A 122 -28.76 16.00 -2.64
CA ASN A 122 -29.50 16.49 -3.80
C ASN A 122 -29.53 15.49 -4.96
N ILE A 123 -28.39 14.90 -5.27
CA ILE A 123 -28.26 13.96 -6.38
C ILE A 123 -29.10 12.70 -6.17
N VAL A 124 -29.16 12.20 -4.92
CA VAL A 124 -30.01 11.04 -4.61
C VAL A 124 -31.48 11.40 -4.85
N MET A 125 -31.86 12.59 -4.39
CA MET A 125 -33.25 13.08 -4.44
C MET A 125 -33.74 13.51 -5.84
N GLU A 126 -32.85 14.09 -6.64
CA GLU A 126 -33.15 14.35 -8.05
C GLU A 126 -33.23 13.08 -8.91
N ASN A 127 -33.01 11.91 -8.29
CA ASN A 127 -32.91 10.62 -9.00
C ASN A 127 -33.35 9.42 -8.15
N LYS A 128 -34.21 9.68 -7.17
CA LYS A 128 -34.66 8.65 -6.22
C LYS A 128 -34.94 7.29 -6.82
N ASP A 129 -35.73 7.27 -7.89
CA ASP A 129 -36.31 6.02 -8.40
C ASP A 129 -35.36 5.11 -9.18
N LYS A 130 -34.50 5.70 -10.03
CA LYS A 130 -33.47 4.89 -10.71
C LYS A 130 -32.60 4.19 -9.66
N LEU A 131 -32.06 5.00 -8.75
CA LEU A 131 -31.05 4.55 -7.79
C LEU A 131 -31.57 3.49 -6.83
N ASN A 132 -32.77 3.71 -6.32
CA ASN A 132 -33.38 2.77 -5.39
C ASN A 132 -33.63 1.37 -5.96
N SER A 133 -33.95 1.33 -7.25
CA SER A 133 -34.29 0.09 -7.95
C SER A 133 -33.06 -0.57 -8.56
N ALA A 134 -31.92 0.12 -8.52
CA ALA A 134 -30.67 -0.46 -9.03
C ALA A 134 -30.04 -1.47 -8.07
N ILE A 135 -30.23 -1.27 -6.76
CA ILE A 135 -29.64 -2.13 -5.74
C ILE A 135 -30.27 -3.51 -5.71
N VAL A 136 -29.40 -4.53 -5.69
CA VAL A 136 -29.78 -5.94 -5.59
C VAL A 136 -29.30 -6.48 -4.22
N TYR A 137 -30.23 -6.69 -3.29
CA TYR A 137 -29.88 -7.04 -1.89
C TYR A 137 -29.40 -8.47 -1.64
N ASP A 138 -29.47 -9.33 -2.65
CA ASP A 138 -28.90 -10.66 -2.54
C ASP A 138 -27.38 -10.64 -2.52
N ARG A 139 -26.81 -9.59 -3.09
CA ARG A 139 -25.37 -9.45 -3.13
C ARG A 139 -24.72 -9.29 -1.74
N ASP A 140 -25.55 -9.18 -0.70
CA ASP A 140 -25.08 -9.16 0.70
C ASP A 140 -24.63 -10.53 1.24
N PHE A 141 -24.91 -11.59 0.49
CA PHE A 141 -24.51 -12.94 0.89
C PHE A 141 -23.20 -13.42 0.24
N GLN A 142 -22.62 -12.59 -0.62
CA GLN A 142 -21.27 -12.82 -1.15
C GLN A 142 -20.18 -12.78 -0.07
N TYR A 143 -20.55 -12.60 1.20
CA TYR A 143 -19.56 -12.35 2.28
C TYR A 143 -19.38 -13.52 3.26
N SER A 144 -18.30 -13.48 4.03
CA SER A 144 -17.83 -14.64 4.77
C SER A 144 -18.12 -14.61 6.26
N TYR A 145 -17.52 -15.57 6.98
CA TYR A 145 -17.56 -15.66 8.45
C TYR A 145 -17.02 -14.39 9.11
N PHE A 146 -15.69 -14.22 9.20
CA PHE A 146 -15.17 -12.96 9.74
C PHE A 146 -15.01 -11.83 8.71
N GLY A 147 -15.52 -12.05 7.50
CA GLY A 147 -15.53 -11.02 6.45
C GLY A 147 -16.61 -9.96 6.62
N PHE A 148 -17.83 -10.43 6.93
CA PHE A 148 -18.97 -9.55 7.24
C PHE A 148 -18.78 -8.81 8.58
N LYS A 149 -18.32 -9.52 9.61
CA LYS A 149 -18.14 -8.96 10.94
C LYS A 149 -16.99 -7.95 10.99
N THR A 150 -16.32 -7.77 9.85
CA THR A 150 -15.35 -6.69 9.68
C THR A 150 -16.09 -5.45 9.19
N LEU A 151 -16.94 -5.65 8.17
CA LEU A 151 -17.76 -4.58 7.64
C LEU A 151 -18.61 -4.01 8.75
N GLU A 152 -19.21 -4.93 9.49
CA GLU A 152 -20.06 -4.61 10.63
C GLU A 152 -19.33 -3.73 11.64
N ARG A 153 -18.23 -4.24 12.18
CA ARG A 153 -17.62 -3.65 13.37
C ARG A 153 -16.94 -2.30 13.15
N SER A 154 -16.63 -1.95 11.91
CA SER A 154 -16.02 -0.63 11.67
C SER A 154 -16.24 0.04 10.32
N TYR A 155 -17.00 -0.56 9.41
CA TYR A 155 -17.18 0.09 8.11
C TYR A 155 -18.56 0.73 7.87
N LEU A 156 -19.62 -0.03 8.14
CA LEU A 156 -20.98 0.44 7.93
C LEU A 156 -21.30 1.60 8.88
N LEU A 157 -21.84 2.68 8.33
CA LEU A 157 -22.14 3.85 9.12
C LEU A 157 -23.12 3.50 10.26
N ARG A 158 -22.76 3.92 11.47
CA ARG A 158 -23.58 3.61 12.64
C ARG A 158 -24.43 4.81 13.00
N ILE A 159 -25.63 4.55 13.53
CA ILE A 159 -26.53 5.63 13.97
C ILE A 159 -26.47 5.85 15.49
N ASN A 160 -26.96 4.91 16.27
CA ASN A 160 -26.85 5.08 17.72
C ASN A 160 -26.05 3.97 18.33
N GLY A 161 -24.80 3.88 17.91
CA GLY A 161 -23.97 2.73 18.21
C GLY A 161 -24.52 1.49 17.53
N GLN A 162 -25.62 1.65 16.81
CA GLN A 162 -26.24 0.54 16.09
C GLN A 162 -26.08 0.75 14.58
N VAL A 163 -25.83 -0.35 13.86
CA VAL A 163 -25.59 -0.32 12.42
C VAL A 163 -26.83 0.19 11.71
N ALA A 164 -26.66 1.08 10.73
CA ALA A 164 -27.79 1.69 10.01
C ALA A 164 -27.69 1.53 8.48
N GLU A 165 -26.57 0.96 8.04
CA GLU A 165 -26.26 0.84 6.64
C GLU A 165 -26.09 -0.66 6.34
N ARG A 166 -26.79 -1.15 5.31
CA ARG A 166 -26.55 -2.48 4.78
C ARG A 166 -25.34 -2.39 3.84
N PRO A 167 -24.56 -3.48 3.72
CA PRO A 167 -23.44 -3.52 2.78
C PRO A 167 -23.71 -2.84 1.42
N GLN A 168 -24.83 -3.14 0.79
CA GLN A 168 -25.16 -2.51 -0.49
C GLN A 168 -25.32 -0.99 -0.42
N HIS A 169 -25.70 -0.48 0.75
CA HIS A 169 -25.92 0.97 0.92
C HIS A 169 -24.59 1.71 0.91
N LEU A 170 -23.62 1.15 1.67
CA LEU A 170 -22.23 1.60 1.67
C LEU A 170 -21.75 1.77 0.24
N ILE A 171 -21.83 0.69 -0.51
CA ILE A 171 -21.38 0.63 -1.89
C ILE A 171 -22.00 1.73 -2.76
N MET A 172 -23.33 1.86 -2.72
CA MET A 172 -24.00 2.83 -3.55
C MET A 172 -23.60 4.26 -3.18
N ARG A 173 -23.41 4.51 -1.89
CA ARG A 173 -22.95 5.83 -1.42
C ARG A 173 -21.58 6.19 -2.04
N VAL A 174 -20.64 5.25 -1.92
CA VAL A 174 -19.30 5.42 -2.48
C VAL A 174 -19.37 5.76 -3.98
N ALA A 175 -20.21 5.02 -4.73
CA ALA A 175 -20.34 5.26 -6.18
C ALA A 175 -20.77 6.70 -6.55
N LEU A 176 -21.64 7.27 -5.74
CA LEU A 176 -22.12 8.64 -5.94
C LEU A 176 -21.11 9.69 -5.47
N GLY A 177 -20.50 9.43 -4.33
CA GLY A 177 -19.43 10.29 -3.80
C GLY A 177 -18.38 10.50 -4.85
N ILE A 178 -18.13 9.46 -5.63
CA ILE A 178 -17.13 9.50 -6.67
C ILE A 178 -17.61 10.24 -7.92
N HIS A 179 -18.82 9.92 -8.38
CA HIS A 179 -19.22 10.30 -9.74
C HIS A 179 -20.05 11.57 -9.92
N GLY A 180 -20.67 12.06 -8.85
CA GLY A 180 -21.56 13.23 -8.93
C GLY A 180 -22.77 13.03 -9.84
N ARG A 181 -23.04 14.04 -10.70
CA ARG A 181 -24.19 14.07 -11.62
C ARG A 181 -24.11 13.05 -12.78
N ASP A 182 -22.96 12.41 -12.91
CA ASP A 182 -22.75 11.37 -13.91
C ASP A 182 -23.34 10.07 -13.38
N ILE A 183 -24.65 9.93 -13.53
CA ILE A 183 -25.37 8.78 -12.98
C ILE A 183 -24.97 7.48 -13.68
N GLU A 184 -24.71 7.55 -14.98
CA GLU A 184 -24.32 6.36 -15.74
C GLU A 184 -23.05 5.73 -15.15
N ALA A 185 -22.02 6.55 -14.94
CA ALA A 185 -20.81 6.10 -14.26
C ALA A 185 -21.09 5.52 -12.86
N ALA A 186 -21.96 6.20 -12.12
CA ALA A 186 -22.34 5.77 -10.79
C ALA A 186 -22.85 4.34 -10.75
N LEU A 187 -23.71 3.98 -11.71
CA LEU A 187 -24.34 2.65 -11.70
C LEU A 187 -23.38 1.54 -12.09
N GLU A 188 -22.49 1.89 -13.02
CA GLU A 188 -21.40 1.01 -13.46
C GLU A 188 -20.51 0.63 -12.28
N THR A 189 -20.07 1.63 -11.52
CA THR A 189 -19.24 1.38 -10.36
C THR A 189 -19.98 0.48 -9.38
N TYR A 190 -21.23 0.85 -9.05
CA TYR A 190 -21.98 0.08 -8.07
C TYR A 190 -21.95 -1.41 -8.40
N ASN A 191 -22.34 -1.75 -9.63
CA ASN A 191 -22.44 -3.16 -10.02
C ASN A 191 -21.16 -3.96 -9.84
N LEU A 192 -20.06 -3.42 -10.35
CA LEU A 192 -18.80 -4.12 -10.32
C LEU A 192 -18.28 -4.28 -8.88
N MET A 193 -18.65 -3.37 -7.97
CA MET A 193 -18.24 -3.52 -6.57
C MET A 193 -19.07 -4.55 -5.82
N SER A 194 -20.40 -4.49 -5.99
CA SER A 194 -21.37 -5.48 -5.43
C SER A 194 -20.96 -6.89 -5.75
N LEU A 195 -20.64 -7.12 -7.02
CA LEU A 195 -20.19 -8.44 -7.51
C LEU A 195 -18.77 -8.84 -7.09
N LYS A 196 -18.06 -7.91 -6.43
CA LYS A 196 -16.71 -8.14 -5.88
C LYS A 196 -15.60 -8.19 -6.94
N TYR A 197 -15.80 -7.51 -8.07
CA TYR A 197 -14.73 -7.35 -9.07
C TYR A 197 -13.55 -6.55 -8.49
N PHE A 198 -13.86 -5.46 -7.78
CA PHE A 198 -12.84 -4.64 -7.12
C PHE A 198 -13.39 -3.91 -5.88
N THR A 199 -12.50 -3.33 -5.08
CA THR A 199 -12.88 -2.47 -3.95
C THR A 199 -11.95 -1.29 -3.79
N HIS A 200 -12.45 -0.20 -3.24
CA HIS A 200 -11.61 0.96 -2.93
C HIS A 200 -11.03 0.80 -1.51
N ALA A 201 -9.98 1.57 -1.19
CA ALA A 201 -9.30 1.44 0.08
C ALA A 201 -10.16 1.95 1.23
N SER A 202 -9.79 1.59 2.47
CA SER A 202 -10.60 1.91 3.63
C SER A 202 -11.07 3.37 3.70
N PRO A 203 -10.15 4.35 3.65
CA PRO A 203 -10.58 5.75 3.68
C PRO A 203 -11.72 6.10 2.70
N THR A 204 -11.66 5.56 1.48
CA THR A 204 -12.75 5.77 0.53
C THR A 204 -14.05 5.09 1.01
N LEU A 205 -13.92 3.90 1.61
CA LEU A 205 -15.08 3.17 2.10
C LEU A 205 -15.73 3.88 3.29
N PHE A 206 -14.89 4.39 4.21
CA PHE A 206 -15.33 5.24 5.33
C PHE A 206 -16.02 6.54 4.90
N ASN A 207 -15.40 7.29 3.98
CA ASN A 207 -15.72 8.73 3.77
C ASN A 207 -16.39 9.19 2.47
N ALA A 208 -16.32 8.40 1.41
CA ALA A 208 -16.94 8.78 0.15
C ALA A 208 -18.41 9.11 0.39
N GLY A 209 -18.85 10.23 -0.15
CA GLY A 209 -20.26 10.62 -0.03
C GLY A 209 -20.62 11.39 1.23
N THR A 210 -19.69 11.48 2.18
CA THR A 210 -19.93 12.22 3.43
C THR A 210 -19.55 13.71 3.29
N PRO A 211 -19.95 14.57 4.27
CA PRO A 211 -19.78 16.03 4.19
C PRO A 211 -18.38 16.53 3.87
N LYS A 212 -17.36 16.01 4.53
CA LYS A 212 -16.02 16.39 4.07
C LYS A 212 -15.15 15.19 3.69
N PRO A 213 -15.20 14.85 2.40
CA PRO A 213 -14.78 13.58 1.84
C PRO A 213 -13.25 13.47 1.79
N GLN A 214 -12.69 12.70 2.73
CA GLN A 214 -11.25 12.50 2.78
C GLN A 214 -11.01 11.07 2.44
N MET A 215 -10.64 10.84 1.19
CA MET A 215 -10.65 9.50 0.59
C MET A 215 -9.25 8.89 0.41
N SER A 216 -8.21 9.68 0.68
CA SER A 216 -6.81 9.30 0.45
C SER A 216 -6.14 8.58 1.62
N SER A 217 -5.31 7.60 1.32
CA SER A 217 -4.67 6.75 2.34
C SER A 217 -3.23 7.11 2.68
N CYS A 218 -2.57 7.84 1.77
CA CYS A 218 -1.13 8.04 1.84
C CYS A 218 -0.79 9.50 1.84
N PHE A 219 0.11 9.87 2.75
CA PHE A 219 0.74 11.19 2.72
C PHE A 219 2.22 11.04 2.91
N LEU A 220 2.98 11.64 1.99
CA LEU A 220 4.43 11.66 2.14
C LEU A 220 4.81 13.10 2.47
N VAL A 221 5.36 13.30 3.68
CA VAL A 221 5.60 14.66 4.19
C VAL A 221 7.07 15.01 4.17
N ALA A 222 7.38 16.17 3.61
CA ALA A 222 8.73 16.74 3.74
C ALA A 222 8.93 17.46 5.07
N MET A 223 9.91 17.03 5.87
CA MET A 223 10.31 17.83 7.03
C MET A 223 10.69 19.24 6.50
N LYS A 224 9.94 20.26 6.91
CA LYS A 224 10.01 21.59 6.28
C LYS A 224 11.31 22.38 6.40
N GLU A 225 12.05 22.23 7.50
CA GLU A 225 13.32 22.96 7.68
C GLU A 225 14.06 22.49 8.94
N ASP A 226 15.39 22.60 8.97
CA ASP A 226 16.18 22.17 10.13
C ASP A 226 16.21 23.25 11.23
N SER A 227 15.07 23.44 11.90
CA SER A 227 14.86 24.50 12.87
C SER A 227 13.67 24.11 13.74
N ILE A 228 13.52 24.73 14.91
CA ILE A 228 12.38 24.48 15.76
C ILE A 228 11.07 24.90 15.07
N GLU A 229 11.12 25.97 14.31
CA GLU A 229 9.95 26.46 13.61
C GLU A 229 9.48 25.45 12.56
N GLY A 230 10.39 25.04 11.68
CA GLY A 230 10.10 24.01 10.69
C GLY A 230 9.61 22.71 11.32
N ILE A 231 10.25 22.29 12.42
CA ILE A 231 9.94 21.05 13.11
C ILE A 231 8.52 21.06 13.64
N TYR A 232 8.16 22.18 14.26
CA TYR A 232 6.85 22.31 14.88
C TYR A 232 5.79 22.61 13.83
N ASP A 233 6.16 23.26 12.72
CA ASP A 233 5.23 23.37 11.56
C ASP A 233 4.90 22.01 10.98
N THR A 234 5.89 21.13 10.95
CA THR A 234 5.71 19.80 10.40
C THR A 234 4.87 18.93 11.34
N LEU A 235 5.17 19.00 12.64
CA LEU A 235 4.41 18.29 13.67
C LEU A 235 2.92 18.63 13.62
N LYS A 236 2.63 19.91 13.41
CA LYS A 236 1.27 20.38 13.24
C LYS A 236 0.61 19.68 12.09
N GLU A 237 1.24 19.79 10.93
CA GLU A 237 0.78 19.12 9.72
C GLU A 237 0.55 17.61 9.92
N CYS A 238 1.42 16.92 10.65
CA CYS A 238 1.20 15.49 10.89
C CYS A 238 -0.01 15.24 11.76
N ALA A 239 -0.26 16.11 12.72
CA ALA A 239 -1.46 16.00 13.52
C ALA A 239 -2.69 16.29 12.65
N LEU A 240 -2.69 17.40 11.91
CA LEU A 240 -3.83 17.69 11.02
C LEU A 240 -4.12 16.54 10.02
N ILE A 241 -3.08 15.87 9.53
CA ILE A 241 -3.27 14.73 8.64
C ILE A 241 -3.73 13.49 9.43
N SER A 242 -3.17 13.31 10.63
CA SER A 242 -3.38 12.10 11.43
C SER A 242 -4.78 12.01 12.03
N LYS A 243 -5.45 13.15 12.10
CA LYS A 243 -6.76 13.27 12.76
C LYS A 243 -7.88 12.91 11.79
N THR A 244 -7.54 12.84 10.51
CA THR A 244 -8.50 12.46 9.50
C THR A 244 -7.94 11.28 8.70
N ALA A 245 -7.96 10.10 9.32
CA ALA A 245 -7.49 8.85 8.69
C ALA A 245 -6.08 8.99 8.07
N GLY A 246 -5.71 8.08 7.16
CA GLY A 246 -4.45 8.20 6.40
C GLY A 246 -3.09 8.08 7.13
N GLY A 247 -2.25 7.16 6.64
CA GLY A 247 -0.94 6.90 7.19
C GLY A 247 0.12 7.87 6.68
N ILE A 248 1.21 7.96 7.43
CA ILE A 248 2.21 8.95 7.10
C ILE A 248 3.59 8.34 6.86
N GLY A 249 4.21 8.83 5.79
CA GLY A 249 5.64 8.62 5.56
C GLY A 249 6.32 9.95 5.76
N LEU A 250 7.24 9.98 6.72
CA LEU A 250 7.91 11.23 7.03
C LEU A 250 9.41 11.12 6.85
N HIS A 251 9.99 11.95 5.97
CA HIS A 251 11.44 11.92 5.77
C HIS A 251 12.20 13.01 6.52
N ILE A 252 13.22 12.61 7.27
CA ILE A 252 13.89 13.47 8.24
C ILE A 252 15.42 13.66 8.03
N HIS A 253 15.92 13.39 6.81
CA HIS A 253 17.37 13.37 6.57
C HIS A 253 18.04 14.72 6.80
N ASN A 254 17.26 15.78 6.95
CA ASN A 254 17.84 17.12 7.02
C ASN A 254 17.93 17.67 8.45
N ILE A 255 17.64 16.82 9.45
CA ILE A 255 17.78 17.18 10.85
C ILE A 255 19.17 16.85 11.42
N ARG A 256 19.89 17.90 11.83
CA ARG A 256 21.24 17.74 12.42
C ARG A 256 21.25 16.74 13.57
N SER A 257 22.33 15.97 13.69
CA SER A 257 22.40 14.85 14.67
C SER A 257 22.96 15.19 16.07
N THR A 258 23.00 14.18 16.98
CA THR A 258 23.52 14.36 18.37
C THR A 258 24.87 15.09 18.35
N GLY A 259 24.96 16.15 19.13
CA GLY A 259 26.23 16.85 19.34
C GLY A 259 26.38 18.11 18.50
N SER A 260 25.62 18.19 17.41
CA SER A 260 25.79 19.28 16.44
C SER A 260 25.53 20.65 17.05
N TYR A 261 26.29 21.60 16.52
CA TYR A 261 26.30 22.97 16.98
C TYR A 261 25.00 23.72 16.65
N ILE A 262 24.51 24.53 17.59
CA ILE A 262 23.38 25.45 17.35
C ILE A 262 23.78 26.91 17.63
N ALA A 263 23.80 27.72 16.57
CA ALA A 263 24.23 29.13 16.64
C ALA A 263 23.38 29.99 17.59
N GLY A 264 22.08 30.03 17.33
CA GLY A 264 21.15 30.91 18.08
C GLY A 264 21.20 30.86 19.60
N THR A 265 21.79 29.79 20.16
CA THR A 265 21.89 29.58 21.62
C THR A 265 23.21 28.91 22.07
N ASN A 266 24.29 29.17 21.32
CA ASN A 266 25.61 28.58 21.60
C ASN A 266 25.54 27.23 22.34
N GLY A 267 24.69 26.32 21.84
CA GLY A 267 24.43 25.04 22.51
C GLY A 267 24.53 23.84 21.59
N THR A 268 24.31 22.65 22.18
CA THR A 268 24.51 21.37 21.49
C THR A 268 23.27 20.47 21.39
N SER A 269 22.93 20.09 20.15
CA SER A 269 21.73 19.29 19.83
C SER A 269 21.74 17.88 20.40
N ASN A 270 20.55 17.40 20.78
CA ASN A 270 20.40 16.07 21.32
C ASN A 270 19.97 15.05 20.27
N GLY A 271 19.79 15.53 19.03
CA GLY A 271 19.62 14.69 17.87
C GLY A 271 18.25 14.13 17.55
N LEU A 272 18.24 13.00 16.84
CA LEU A 272 17.01 12.41 16.34
C LEU A 272 16.17 11.69 17.38
N ILE A 273 16.77 10.91 18.28
CA ILE A 273 15.94 10.06 19.18
C ILE A 273 14.97 10.86 20.06
N PRO A 274 15.46 11.92 20.74
CA PRO A 274 14.49 12.71 21.54
C PRO A 274 13.41 13.34 20.66
N MET A 275 13.78 13.83 19.48
CA MET A 275 12.80 14.32 18.49
C MET A 275 11.81 13.23 18.02
N ILE A 276 12.32 12.02 17.79
CA ILE A 276 11.46 10.88 17.50
C ILE A 276 10.46 10.65 18.63
N ARG A 277 10.90 10.78 19.88
CA ARG A 277 9.97 10.69 20.99
C ARG A 277 8.79 11.69 20.92
N VAL A 278 9.02 12.89 20.38
CA VAL A 278 7.94 13.87 20.23
C VAL A 278 6.89 13.32 19.25
N PHE A 279 7.34 12.95 18.05
CA PHE A 279 6.43 12.46 17.04
C PHE A 279 5.68 11.21 17.54
N ASN A 280 6.38 10.40 18.31
CA ASN A 280 5.80 9.23 18.94
C ASN A 280 4.66 9.62 19.87
N ASN A 281 4.93 10.59 20.72
CA ASN A 281 3.96 11.08 21.64
C ASN A 281 2.75 11.71 20.97
N THR A 282 2.95 12.44 19.88
CA THR A 282 1.85 13.01 19.09
C THR A 282 1.06 11.91 18.38
N ALA A 283 1.72 10.81 18.06
CA ALA A 283 1.03 9.68 17.45
C ALA A 283 0.08 9.02 18.44
N ARG A 284 0.52 8.79 19.67
CA ARG A 284 -0.39 8.13 20.61
C ARG A 284 -1.50 9.04 21.14
N TYR A 285 -1.26 10.36 21.15
CA TYR A 285 -2.30 11.32 21.50
C TYR A 285 -3.36 11.55 20.41
N VAL A 286 -2.96 11.85 19.18
CA VAL A 286 -3.94 12.12 18.11
C VAL A 286 -4.54 10.83 17.56
N ASP A 287 -5.18 10.04 18.42
CA ASP A 287 -5.84 8.81 17.99
C ASP A 287 -6.91 9.09 16.88
N ALA A 288 -6.47 8.96 15.61
CA ALA A 288 -7.27 9.30 14.41
C ALA A 288 -8.70 9.75 14.67
N GLY A 289 -8.98 11.03 14.38
CA GLY A 289 -10.32 11.60 14.58
C GLY A 289 -10.67 11.66 16.06
N GLY A 290 -11.86 11.18 16.42
CA GLY A 290 -12.23 11.13 17.83
C GLY A 290 -11.29 10.25 18.65
N ASN A 291 -11.69 8.98 18.82
CA ASN A 291 -10.91 7.97 19.54
C ASN A 291 -10.72 6.71 18.67
N LYS A 292 -10.92 6.89 17.36
CA LYS A 292 -10.92 5.80 16.36
C LYS A 292 -9.76 4.81 16.52
N ARG A 293 -8.54 5.33 16.52
CA ARG A 293 -7.30 4.52 16.59
C ARG A 293 -6.04 5.41 16.48
N PRO A 294 -5.06 5.22 17.39
CA PRO A 294 -3.79 5.99 17.37
C PRO A 294 -3.10 5.95 16.00
N GLY A 295 -2.38 7.03 15.67
CA GLY A 295 -1.69 7.13 14.37
C GLY A 295 -0.59 6.10 14.13
N ALA A 296 -0.25 5.88 12.86
CA ALA A 296 0.90 5.08 12.47
C ALA A 296 1.85 5.89 11.57
N PHE A 297 3.07 6.13 12.05
CA PHE A 297 4.08 6.78 11.20
C PHE A 297 5.19 5.82 10.83
N ALA A 298 5.63 5.92 9.59
CA ALA A 298 6.91 5.37 9.21
C ALA A 298 7.92 6.51 9.07
N LEU A 299 9.15 6.30 9.56
CA LEU A 299 10.20 7.31 9.42
C LEU A 299 11.26 6.87 8.46
N TYR A 300 11.68 7.77 7.58
CA TYR A 300 12.69 7.49 6.58
C TYR A 300 13.99 8.25 6.79
N LEU A 301 15.09 7.48 6.86
CA LEU A 301 16.44 7.99 7.06
C LEU A 301 17.43 7.30 6.09
N GLU A 302 18.35 8.06 5.48
CA GLU A 302 19.48 7.47 4.74
C GLU A 302 20.54 6.98 5.75
N PRO A 303 21.05 5.74 5.59
CA PRO A 303 21.84 5.17 6.69
C PRO A 303 23.18 5.84 6.98
N TRP A 304 23.56 6.86 6.20
CA TRP A 304 24.74 7.68 6.49
C TRP A 304 24.52 8.70 7.63
N HIS A 305 23.28 8.88 8.08
CA HIS A 305 22.99 9.81 9.19
C HIS A 305 23.66 9.31 10.48
N ALA A 306 24.26 10.24 11.21
CA ALA A 306 25.05 9.90 12.40
C ALA A 306 24.31 9.24 13.61
N ASP A 307 22.99 9.38 13.69
CA ASP A 307 22.22 8.72 14.77
C ASP A 307 21.68 7.33 14.39
N ILE A 308 22.10 6.83 13.24
CA ILE A 308 21.57 5.58 12.70
C ILE A 308 21.49 4.36 13.66
N PHE A 309 22.49 4.16 14.51
CA PHE A 309 22.53 2.97 15.36
C PHE A 309 21.40 2.89 16.37
N ASP A 310 20.94 4.04 16.84
CA ASP A 310 19.83 4.09 17.79
C ASP A 310 18.50 4.10 17.08
N PHE A 311 18.50 4.67 15.86
CA PHE A 311 17.32 4.76 14.97
C PHE A 311 16.78 3.40 14.53
N ILE A 312 17.68 2.46 14.27
CA ILE A 312 17.28 1.13 13.87
C ILE A 312 16.76 0.31 15.07
N ASP A 313 17.18 0.68 16.27
CA ASP A 313 16.83 -0.10 17.47
C ASP A 313 15.53 0.32 18.12
N ILE A 314 14.85 1.28 17.49
CA ILE A 314 13.68 1.96 18.04
C ILE A 314 12.56 1.05 18.57
N ARG A 315 12.53 -0.20 18.12
CA ARG A 315 11.43 -1.09 18.51
C ARG A 315 11.86 -2.28 19.37
N LYS A 316 13.03 -2.21 19.98
CA LYS A 316 13.47 -3.27 20.90
C LYS A 316 12.71 -3.19 22.23
N ASN A 317 12.50 -4.34 22.88
CA ASN A 317 11.64 -4.37 24.06
C ASN A 317 12.38 -4.64 25.39
N HIS A 318 13.56 -4.03 25.49
CA HIS A 318 14.46 -4.15 26.65
C HIS A 318 15.51 -3.04 26.54
N GLY A 319 16.40 -2.97 27.54
CA GLY A 319 17.39 -1.89 27.61
C GLY A 319 16.72 -0.60 28.08
N LYS A 320 17.46 0.51 28.02
CA LYS A 320 16.97 1.81 28.49
C LYS A 320 15.69 2.25 27.78
N GLU A 321 14.60 2.39 28.54
CA GLU A 321 13.31 2.81 28.02
C GLU A 321 13.32 4.22 27.34
N GLU A 322 14.23 5.10 27.78
CA GLU A 322 14.25 6.49 27.25
C GLU A 322 14.78 6.62 25.80
N ILE A 323 15.41 5.56 25.28
CA ILE A 323 15.98 5.59 23.92
C ILE A 323 15.09 4.89 22.84
N ARG A 324 14.02 4.21 23.28
CA ARG A 324 13.07 3.55 22.37
C ARG A 324 11.95 4.50 21.93
N ALA A 325 11.00 3.99 21.14
CA ALA A 325 9.85 4.73 20.64
C ALA A 325 8.93 3.73 19.93
N ARG A 326 8.20 2.95 20.74
CA ARG A 326 7.57 1.70 20.32
C ARG A 326 6.28 1.76 19.52
N ASP A 327 5.83 2.93 19.09
CA ASP A 327 4.66 3.01 18.19
C ASP A 327 5.01 3.49 16.77
N LEU A 328 6.29 3.65 16.52
CA LEU A 328 6.73 4.11 15.22
C LEU A 328 7.50 3.02 14.53
N PHE A 329 7.58 3.11 13.21
CA PHE A 329 8.36 2.15 12.40
C PHE A 329 9.55 2.82 11.74
N PRO A 330 10.79 2.32 12.01
CA PRO A 330 12.00 2.77 11.33
C PRO A 330 12.09 2.18 9.92
N ALA A 331 12.41 3.04 8.94
CA ALA A 331 12.61 2.61 7.56
C ALA A 331 13.85 3.25 6.97
N LEU A 332 14.64 2.40 6.29
CA LEU A 332 15.89 2.83 5.71
C LEU A 332 15.71 3.20 4.26
N TRP A 333 16.18 4.39 3.91
CA TRP A 333 16.22 4.91 2.56
C TRP A 333 17.67 4.68 2.08
N ILE A 334 17.92 3.50 1.49
CA ILE A 334 19.29 3.03 1.23
C ILE A 334 19.86 3.37 -0.15
N PRO A 335 20.97 4.11 -0.19
CA PRO A 335 21.73 4.33 -1.44
C PRO A 335 22.59 3.10 -1.83
N ASP A 336 22.73 2.86 -3.14
CA ASP A 336 23.56 1.76 -3.64
C ASP A 336 24.95 1.70 -2.99
N LEU A 337 25.58 2.86 -2.83
CA LEU A 337 26.92 2.95 -2.24
C LEU A 337 27.04 2.15 -0.94
N PHE A 338 26.02 2.22 -0.08
CA PHE A 338 26.03 1.50 1.18
C PHE A 338 26.15 0.01 1.03
N MET A 339 25.48 -0.53 0.01
CA MET A 339 25.42 -1.97 -0.15
C MET A 339 26.75 -2.48 -0.71
N LYS A 340 27.38 -1.69 -1.58
CA LYS A 340 28.73 -1.98 -2.08
C LYS A 340 29.76 -2.08 -0.95
N ARG A 341 29.83 -1.05 -0.11
CA ARG A 341 30.75 -1.06 1.03
C ARG A 341 30.57 -2.28 1.92
N VAL A 342 29.33 -2.76 2.05
CA VAL A 342 29.03 -3.90 2.90
C VAL A 342 29.50 -5.22 2.29
N GLU A 343 29.25 -5.43 0.99
CA GLU A 343 29.75 -6.65 0.36
C GLU A 343 31.28 -6.61 0.13
N GLU A 344 31.83 -5.41 -0.08
CA GLU A 344 33.30 -5.23 -0.18
C GLU A 344 34.02 -5.47 1.14
N ASN A 345 33.28 -5.66 2.23
CA ASN A 345 33.81 -5.62 3.60
C ASN A 345 34.68 -4.35 3.88
N GLY A 346 34.18 -3.19 3.45
CA GLY A 346 34.91 -1.92 3.55
C GLY A 346 34.38 -0.94 4.59
N THR A 347 34.62 0.34 4.36
CA THR A 347 34.32 1.39 5.34
C THR A 347 33.00 2.12 5.07
N TRP A 348 32.45 2.74 6.12
CA TRP A 348 31.23 3.58 6.00
C TRP A 348 31.28 4.79 6.92
N THR A 349 30.95 5.95 6.36
CA THR A 349 31.15 7.24 7.06
C THR A 349 29.85 7.94 7.45
N LEU A 350 29.64 8.12 8.76
CA LEU A 350 28.45 8.79 9.30
C LEU A 350 28.60 10.32 9.34
N PHE A 351 27.62 11.05 8.79
CA PHE A 351 27.60 12.54 8.84
C PHE A 351 26.37 13.10 9.55
N SER A 352 26.50 14.37 9.95
CA SER A 352 25.38 15.22 10.25
C SER A 352 25.11 15.99 8.93
N PRO A 353 23.83 16.21 8.58
CA PRO A 353 23.50 16.94 7.37
C PRO A 353 23.95 18.41 7.34
N THR A 354 24.42 18.94 8.47
CA THR A 354 24.97 20.30 8.46
C THR A 354 26.43 20.29 8.00
N SER A 355 27.16 19.22 8.32
CA SER A 355 28.56 19.13 7.92
C SER A 355 28.64 18.58 6.50
N ALA A 356 27.51 18.17 5.94
CA ALA A 356 27.48 17.48 4.65
C ALA A 356 26.18 17.77 3.85
N PRO A 357 25.92 19.06 3.51
CA PRO A 357 24.66 19.43 2.87
C PRO A 357 24.52 18.98 1.41
N GLY A 358 23.30 18.65 1.01
CA GLY A 358 22.96 18.34 -0.38
C GLY A 358 22.73 16.86 -0.67
N LEU A 359 23.10 16.02 0.28
CA LEU A 359 23.17 14.58 0.09
C LEU A 359 21.85 13.88 -0.26
N SER A 360 20.74 14.36 0.29
CA SER A 360 19.45 13.78 -0.03
C SER A 360 18.79 14.52 -1.22
N ASP A 361 19.51 15.47 -1.79
CA ASP A 361 19.01 16.23 -2.91
C ASP A 361 19.69 15.83 -4.21
N CYS A 362 20.33 14.66 -4.19
CA CYS A 362 20.79 14.00 -5.39
C CYS A 362 20.81 12.48 -5.21
N TYR A 363 21.07 11.77 -6.31
CA TYR A 363 21.10 10.31 -6.29
C TYR A 363 22.13 9.78 -7.25
N GLY A 364 22.37 8.47 -7.21
CA GLY A 364 23.22 7.78 -8.16
C GLY A 364 24.64 8.29 -8.25
N ASP A 365 25.03 8.74 -9.44
CA ASP A 365 26.39 9.21 -9.68
C ASP A 365 26.68 10.54 -9.00
N GLU A 366 25.77 11.49 -9.17
CA GLU A 366 25.96 12.79 -8.57
C GLU A 366 26.15 12.65 -7.05
N PHE A 367 25.36 11.78 -6.42
CA PHE A 367 25.48 11.49 -4.98
C PHE A 367 26.84 10.88 -4.58
N GLU A 368 27.29 9.90 -5.35
CA GLU A 368 28.54 9.25 -5.01
C GLU A 368 29.72 10.20 -5.17
N ALA A 369 29.61 11.13 -6.12
CA ALA A 369 30.59 12.19 -6.26
C ALA A 369 30.61 13.12 -5.03
N LEU A 370 29.44 13.56 -4.54
CA LEU A 370 29.36 14.39 -3.31
C LEU A 370 29.80 13.68 -2.03
N TYR A 371 29.30 12.46 -1.82
CA TYR A 371 29.59 11.67 -0.63
C TYR A 371 31.07 11.37 -0.54
N THR A 372 31.67 10.99 -1.67
CA THR A 372 33.08 10.60 -1.69
C THR A 372 33.97 11.80 -1.29
N ARG A 373 33.64 12.98 -1.81
CA ARG A 373 34.36 14.20 -1.51
C ARG A 373 34.28 14.57 -0.02
N TYR A 374 33.06 14.58 0.52
CA TYR A 374 32.81 14.80 1.94
C TYR A 374 33.55 13.80 2.82
N GLU A 375 33.56 12.54 2.40
CA GLU A 375 34.35 11.49 3.02
C GLU A 375 35.85 11.87 2.99
N LYS A 376 36.32 12.40 1.86
CA LYS A 376 37.74 12.81 1.74
C LYS A 376 38.04 14.01 2.59
N GLU A 377 37.09 14.92 2.70
CA GLU A 377 37.31 16.18 3.41
C GLU A 377 37.23 16.05 4.93
N GLY A 378 37.28 14.83 5.44
CA GLY A 378 37.23 14.54 6.87
C GLY A 378 35.98 15.03 7.59
N ARG A 379 34.86 15.15 6.87
CA ARG A 379 33.68 15.83 7.43
C ARG A 379 32.80 14.98 8.33
N GLY A 380 33.08 13.67 8.40
CA GLY A 380 32.29 12.75 9.22
C GLY A 380 33.11 11.78 10.04
N LYS A 381 32.46 10.70 10.51
CA LYS A 381 33.08 9.65 11.32
C LYS A 381 32.99 8.27 10.64
N THR A 382 34.13 7.57 10.55
CA THR A 382 34.22 6.32 9.79
C THR A 382 34.10 5.05 10.62
N ILE A 383 33.40 4.08 10.07
CA ILE A 383 33.08 2.87 10.78
C ILE A 383 33.32 1.72 9.81
N LYS A 384 33.40 0.49 10.33
CA LYS A 384 33.38 -0.72 9.51
C LYS A 384 31.96 -0.95 9.03
N ALA A 385 31.71 -0.77 7.72
CA ALA A 385 30.39 -1.06 7.10
C ALA A 385 29.68 -2.28 7.67
N GLN A 386 30.39 -3.38 7.89
CA GLN A 386 29.75 -4.59 8.40
C GLN A 386 29.35 -4.57 9.89
N LYS A 387 29.88 -3.61 10.64
CA LYS A 387 29.46 -3.38 12.02
C LYS A 387 27.99 -2.88 12.04
N LEU A 388 27.67 -1.92 11.16
CA LEU A 388 26.29 -1.43 10.99
C LEU A 388 25.37 -2.54 10.50
N TRP A 389 25.77 -3.22 9.44
CA TRP A 389 24.99 -4.30 8.86
C TRP A 389 24.57 -5.29 9.93
N TYR A 390 25.53 -5.69 10.76
CA TYR A 390 25.30 -6.67 11.80
C TYR A 390 24.23 -6.23 12.78
N SER A 391 24.31 -4.97 13.20
CA SER A 391 23.27 -4.38 14.03
C SER A 391 21.91 -4.40 13.32
N ILE A 392 21.89 -3.95 12.06
CA ILE A 392 20.67 -3.89 11.28
C ILE A 392 19.99 -5.27 11.26
N LEU A 393 20.77 -6.31 11.01
CA LEU A 393 20.22 -7.66 11.01
C LEU A 393 19.78 -8.15 12.39
N GLU A 394 20.49 -7.75 13.43
CA GLU A 394 20.13 -8.12 14.78
C GLU A 394 18.79 -7.47 15.17
N ALA A 395 18.58 -6.25 14.69
CA ALA A 395 17.34 -5.54 14.91
C ALA A 395 16.17 -6.22 14.20
N GLN A 396 16.39 -6.62 12.94
CA GLN A 396 15.36 -7.21 12.10
C GLN A 396 14.93 -8.57 12.65
N THR A 397 15.91 -9.39 13.05
CA THR A 397 15.70 -10.73 13.65
C THR A 397 14.88 -10.72 14.95
N GLU A 398 15.01 -9.65 15.71
CA GLU A 398 14.36 -9.57 17.00
C GLU A 398 13.02 -8.86 16.92
N THR A 399 12.90 -7.88 16.01
CA THR A 399 11.71 -7.01 15.95
C THR A 399 11.00 -6.95 14.59
N GLY A 400 11.57 -7.61 13.58
CA GLY A 400 11.03 -7.53 12.23
C GLY A 400 11.19 -6.21 11.52
N THR A 401 11.92 -5.25 12.10
CA THR A 401 12.17 -3.93 11.50
C THR A 401 13.66 -3.60 11.70
N PRO A 402 14.22 -2.58 10.99
CA PRO A 402 13.68 -1.63 9.98
C PRO A 402 13.39 -2.21 8.61
N PHE A 403 12.42 -1.61 7.93
CA PHE A 403 12.11 -1.83 6.52
C PHE A 403 13.28 -1.32 5.70
N VAL A 404 13.38 -1.83 4.47
CA VAL A 404 14.47 -1.51 3.55
C VAL A 404 13.93 -1.08 2.16
N VAL A 405 14.20 0.18 1.76
CA VAL A 405 13.79 0.67 0.43
C VAL A 405 14.97 1.38 -0.27
N TYR A 406 15.15 1.11 -1.57
CA TYR A 406 16.34 1.57 -2.30
C TYR A 406 16.19 2.91 -3.07
N LYS A 407 16.68 3.98 -2.43
CA LYS A 407 16.63 5.36 -2.94
C LYS A 407 16.93 5.50 -4.46
N ASP A 408 18.00 4.85 -4.91
CA ASP A 408 18.48 5.04 -6.28
C ASP A 408 17.53 4.41 -7.33
N ALA A 409 17.11 3.17 -7.08
CA ALA A 409 16.13 2.49 -7.89
C ALA A 409 14.87 3.36 -8.05
N CYS A 410 14.34 3.85 -6.93
CA CYS A 410 13.17 4.74 -6.94
C CYS A 410 13.31 5.99 -7.80
N ASN A 411 14.43 6.68 -7.71
CA ASN A 411 14.56 7.96 -8.41
C ASN A 411 14.83 7.81 -9.89
N ARG A 412 15.73 6.88 -10.20
CA ARG A 412 16.15 6.60 -11.55
C ARG A 412 14.98 6.09 -12.43
N LYS A 413 14.12 5.23 -11.86
CA LYS A 413 12.98 4.69 -12.59
C LYS A 413 11.62 5.34 -12.24
N SER A 414 11.54 6.67 -12.20
CA SER A 414 10.26 7.34 -11.91
C SER A 414 9.86 8.44 -12.91
N ASN A 415 8.61 8.38 -13.37
CA ASN A 415 8.05 9.40 -14.28
C ASN A 415 7.91 10.79 -13.65
N GLN A 416 8.22 10.91 -12.35
CA GLN A 416 8.21 12.22 -11.66
C GLN A 416 9.59 12.91 -11.61
N LYS A 417 10.61 12.26 -12.18
CA LYS A 417 11.94 12.82 -12.18
C LYS A 417 12.01 14.31 -12.63
N ASN A 418 11.15 14.75 -13.55
CA ASN A 418 11.23 16.16 -14.01
C ASN A 418 10.88 17.22 -12.95
N LEU A 419 10.37 16.77 -11.81
CA LEU A 419 9.96 17.65 -10.72
C LEU A 419 11.07 17.95 -9.72
N GLY A 420 12.07 17.05 -9.61
CA GLY A 420 13.10 17.09 -8.55
C GLY A 420 13.29 15.73 -7.88
N VAL A 421 14.17 15.64 -6.87
CA VAL A 421 14.53 14.34 -6.27
C VAL A 421 13.57 13.84 -5.19
N ILE A 422 13.19 12.57 -5.27
CA ILE A 422 12.21 11.96 -4.35
C ILE A 422 12.91 11.51 -3.08
N LYS A 423 12.30 11.74 -1.92
CA LYS A 423 13.04 11.57 -0.65
C LYS A 423 12.59 10.46 0.29
N SER A 424 11.51 9.73 -0.04
CA SER A 424 11.02 8.67 0.84
C SER A 424 9.91 7.87 0.22
N SER A 425 9.56 6.77 0.87
CA SER A 425 8.33 6.11 0.50
C SER A 425 7.25 6.45 1.54
N ASN A 426 6.41 5.50 1.91
CA ASN A 426 5.28 5.79 2.77
C ASN A 426 5.16 4.76 3.88
N LEU A 427 4.00 4.64 4.49
CA LEU A 427 3.81 3.71 5.59
C LEU A 427 4.03 2.23 5.26
N CYS A 428 3.57 1.77 4.09
CA CYS A 428 3.73 0.34 3.77
C CYS A 428 4.69 0.10 2.62
N CYS A 429 5.52 1.09 2.34
CA CYS A 429 6.59 0.96 1.38
C CYS A 429 6.05 0.59 -0.01
N GLU A 430 4.99 1.30 -0.45
CA GLU A 430 4.46 1.08 -1.78
C GLU A 430 4.41 2.34 -2.65
N ILE A 431 4.33 3.51 -2.03
CA ILE A 431 4.25 4.79 -2.78
C ILE A 431 5.62 5.39 -3.02
N VAL A 432 5.84 5.94 -4.21
CA VAL A 432 7.10 6.64 -4.53
C VAL A 432 6.79 7.93 -5.30
N GLU A 433 6.64 9.04 -4.56
CA GLU A 433 6.17 10.32 -5.11
C GLU A 433 6.98 11.50 -4.54
N TYR A 434 7.03 12.61 -5.29
CA TYR A 434 7.85 13.76 -4.92
C TYR A 434 7.19 14.65 -3.87
N SER A 435 7.93 14.98 -2.81
CA SER A 435 7.44 15.88 -1.77
C SER A 435 8.43 16.99 -1.46
N ALA A 436 7.91 18.10 -0.95
CA ALA A 436 8.72 19.26 -0.65
C ALA A 436 8.01 20.06 0.45
N PRO A 437 8.71 21.06 1.03
CA PRO A 437 8.05 21.82 2.07
C PRO A 437 6.66 22.34 1.65
N ASP A 438 6.49 22.67 0.37
CA ASP A 438 5.21 23.23 -0.04
C ASP A 438 4.33 22.25 -0.82
N GLU A 439 4.85 21.07 -1.15
CA GLU A 439 4.01 20.03 -1.78
C GLU A 439 4.04 18.71 -1.00
N THR A 440 2.91 18.30 -0.45
CA THR A 440 2.79 17.02 0.24
C THR A 440 2.09 16.03 -0.67
N ALA A 441 2.78 14.92 -0.95
CA ALA A 441 2.30 13.94 -1.90
C ALA A 441 1.14 13.17 -1.32
N VAL A 442 0.11 12.99 -2.14
CA VAL A 442 -1.07 12.24 -1.77
C VAL A 442 -1.20 11.07 -2.73
N CYS A 443 -1.67 9.93 -2.23
CA CYS A 443 -2.21 8.93 -3.14
C CYS A 443 -3.47 8.20 -2.74
N ASN A 444 -4.35 7.99 -3.73
CA ASN A 444 -5.64 7.34 -3.59
C ASN A 444 -5.58 5.96 -4.19
N LEU A 445 -6.15 4.97 -3.49
CA LEU A 445 -5.88 3.57 -3.80
C LEU A 445 -7.13 2.72 -3.98
N ALA A 446 -7.04 1.79 -4.93
CA ALA A 446 -8.03 0.70 -5.10
C ALA A 446 -7.35 -0.60 -5.45
N SER A 447 -7.95 -1.72 -5.06
CA SER A 447 -7.44 -3.06 -5.43
C SER A 447 -8.44 -3.86 -6.28
N VAL A 448 -7.92 -4.46 -7.36
CA VAL A 448 -8.63 -5.41 -8.22
C VAL A 448 -8.57 -6.80 -7.59
N ALA A 449 -9.67 -7.55 -7.68
CA ALA A 449 -9.78 -8.89 -7.10
C ALA A 449 -9.46 -9.94 -8.16
N LEU A 450 -8.29 -10.54 -8.03
CA LEU A 450 -7.76 -11.40 -9.09
C LEU A 450 -8.61 -12.64 -9.39
N PRO A 451 -9.07 -13.39 -8.35
CA PRO A 451 -9.92 -14.57 -8.60
C PRO A 451 -11.18 -14.30 -9.44
N ALA A 452 -11.74 -13.10 -9.34
CA ALA A 452 -12.98 -12.74 -10.08
C ALA A 452 -12.97 -12.93 -11.61
N PHE A 453 -11.78 -13.08 -12.20
CA PHE A 453 -11.68 -13.11 -13.67
C PHE A 453 -11.35 -14.52 -14.18
N ILE A 454 -11.33 -15.48 -13.26
CA ILE A 454 -11.17 -16.89 -13.60
C ILE A 454 -12.45 -17.32 -14.31
N GLU A 455 -12.29 -17.97 -15.45
CA GLU A 455 -13.42 -18.43 -16.26
C GLU A 455 -13.20 -19.86 -16.71
N THR A 456 -13.94 -20.79 -16.13
CA THR A 456 -13.92 -22.18 -16.60
C THR A 456 -14.91 -22.32 -17.79
N SER A 457 -14.40 -22.10 -19.01
CA SER A 457 -15.26 -21.81 -20.19
C SER A 457 -15.36 -22.91 -21.27
N GLU A 458 -16.61 -23.36 -21.50
CA GLU A 458 -16.99 -24.36 -22.53
C GLU A 458 -16.40 -25.76 -22.33
N ASP A 459 -16.62 -26.33 -21.14
CA ASP A 459 -16.35 -27.76 -20.83
C ASP A 459 -16.21 -28.09 -19.32
N GLY A 460 -15.88 -27.08 -18.49
CA GLY A 460 -15.66 -27.31 -17.05
C GLY A 460 -14.37 -28.08 -16.77
N LYS A 461 -14.04 -28.27 -15.48
CA LYS A 461 -12.80 -28.98 -15.06
C LYS A 461 -11.58 -28.57 -15.90
N THR A 462 -11.59 -27.28 -16.28
CA THR A 462 -10.56 -26.59 -17.05
C THR A 462 -10.95 -25.13 -16.91
N SER A 463 -9.99 -24.30 -16.53
CA SER A 463 -10.28 -22.90 -16.29
C SER A 463 -9.36 -22.02 -17.11
N THR A 464 -9.83 -20.84 -17.50
CA THR A 464 -8.99 -19.86 -18.18
C THR A 464 -9.03 -18.55 -17.41
N TYR A 465 -8.19 -17.59 -17.80
CA TYR A 465 -8.19 -16.29 -17.12
C TYR A 465 -8.60 -15.17 -18.07
N ASN A 466 -9.69 -14.46 -17.76
CA ASN A 466 -10.17 -13.45 -18.70
C ASN A 466 -9.43 -12.10 -18.60
N PHE A 467 -8.39 -11.95 -19.42
CA PHE A 467 -7.56 -10.75 -19.42
C PHE A 467 -8.23 -9.54 -20.07
N LYS A 468 -9.20 -9.78 -20.95
CA LYS A 468 -9.91 -8.71 -21.65
C LYS A 468 -10.83 -7.99 -20.67
N LYS A 469 -11.36 -8.73 -19.69
CA LYS A 469 -12.21 -8.18 -18.64
C LYS A 469 -11.39 -7.42 -17.60
N LEU A 470 -10.26 -8.01 -17.21
CA LEU A 470 -9.30 -7.32 -16.39
C LEU A 470 -8.95 -5.95 -16.98
N HIS A 471 -8.55 -5.90 -18.25
CA HIS A 471 -8.22 -4.65 -18.91
C HIS A 471 -9.39 -3.69 -18.82
N GLU A 472 -10.59 -4.22 -19.06
CA GLU A 472 -11.85 -3.43 -18.99
C GLU A 472 -12.02 -2.78 -17.60
N ILE A 473 -11.98 -3.59 -16.56
CA ILE A 473 -12.18 -3.14 -15.19
C ILE A 473 -11.12 -2.10 -14.74
N ALA A 474 -9.85 -2.41 -14.98
CA ALA A 474 -8.77 -1.51 -14.61
C ALA A 474 -8.98 -0.12 -15.21
N LYS A 475 -9.59 -0.05 -16.41
CA LYS A 475 -9.93 1.23 -17.04
C LYS A 475 -10.97 2.00 -16.24
N VAL A 476 -11.94 1.30 -15.66
CA VAL A 476 -12.96 2.03 -14.89
C VAL A 476 -12.35 2.51 -13.58
N VAL A 477 -11.60 1.62 -12.89
CA VAL A 477 -10.90 1.97 -11.64
C VAL A 477 -10.00 3.19 -11.83
N THR A 478 -9.28 3.25 -12.96
CA THR A 478 -8.55 4.46 -13.35
C THR A 478 -9.46 5.70 -13.41
N ARG A 479 -10.64 5.59 -14.02
CA ARG A 479 -11.50 6.78 -14.11
C ARG A 479 -12.00 7.24 -12.72
N ASN A 480 -12.37 6.28 -11.88
CA ASN A 480 -12.81 6.57 -10.52
C ASN A 480 -11.78 7.35 -9.75
N LEU A 481 -10.58 6.76 -9.64
CA LEU A 481 -9.43 7.33 -8.91
C LEU A 481 -9.08 8.75 -9.38
N ASN A 482 -9.18 8.98 -10.67
CA ASN A 482 -8.93 10.30 -11.21
C ASN A 482 -10.08 11.28 -10.92
N ARG A 483 -11.29 10.78 -10.74
CA ARG A 483 -12.39 11.64 -10.37
C ARG A 483 -12.29 11.98 -8.86
N VAL A 484 -11.87 10.99 -8.07
CA VAL A 484 -11.59 11.12 -6.64
C VAL A 484 -10.64 12.29 -6.32
N ILE A 485 -9.65 12.48 -7.18
CA ILE A 485 -8.71 13.58 -7.05
C ILE A 485 -9.45 14.92 -7.03
N ASP A 486 -10.45 15.08 -7.90
CA ASP A 486 -11.13 16.37 -8.06
C ASP A 486 -12.19 16.61 -7.03
N ARG A 487 -12.57 15.57 -6.31
CA ARG A 487 -13.66 15.71 -5.38
C ARG A 487 -13.26 15.43 -3.95
N ASN A 488 -11.98 15.10 -3.75
CA ASN A 488 -11.44 14.85 -2.42
C ASN A 488 -11.31 16.15 -1.60
N TYR A 489 -11.52 16.04 -0.29
CA TYR A 489 -11.21 17.12 0.64
C TYR A 489 -9.79 16.92 1.21
N TYR A 490 -8.92 17.89 0.99
CA TYR A 490 -7.54 17.82 1.48
C TYR A 490 -7.40 18.45 2.88
N PRO A 491 -6.82 17.70 3.85
CA PRO A 491 -6.69 18.22 5.22
C PRO A 491 -5.71 19.40 5.33
N VAL A 492 -4.80 19.52 4.36
CA VAL A 492 -3.77 20.57 4.34
C VAL A 492 -3.53 21.10 2.92
N GLU A 493 -3.25 22.39 2.78
CA GLU A 493 -3.06 23.03 1.46
C GLU A 493 -1.85 22.50 0.63
N GLU A 494 -0.80 22.04 1.32
CA GLU A 494 0.35 21.38 0.67
C GLU A 494 -0.11 20.16 -0.13
N ALA A 495 -1.09 19.43 0.39
CA ALA A 495 -1.65 18.30 -0.33
C ALA A 495 -2.44 18.71 -1.57
N ARG A 496 -3.30 19.71 -1.47
CA ARG A 496 -4.15 20.13 -2.61
C ARG A 496 -3.31 20.67 -3.76
N LYS A 497 -2.27 21.45 -3.45
CA LYS A 497 -1.36 21.95 -4.46
C LYS A 497 -0.68 20.80 -5.20
N SER A 498 -0.19 19.83 -4.42
CA SER A 498 0.53 18.67 -4.97
C SER A 498 -0.35 17.86 -5.95
N ASN A 499 -1.54 17.43 -5.50
CA ASN A 499 -2.41 16.62 -6.35
C ASN A 499 -2.92 17.33 -7.60
N MET A 500 -3.31 18.60 -7.49
CA MET A 500 -3.89 19.28 -8.65
C MET A 500 -2.88 19.45 -9.78
N ARG A 501 -1.61 19.60 -9.41
CA ARG A 501 -0.52 19.69 -10.39
C ARG A 501 -0.11 18.36 -11.07
N HIS A 502 0.02 17.27 -10.30
CA HIS A 502 0.56 16.04 -10.81
C HIS A 502 -0.43 14.87 -10.98
N ARG A 503 -1.47 14.83 -10.16
CA ARG A 503 -2.52 13.81 -10.32
C ARG A 503 -2.06 12.33 -10.28
N PRO A 504 -1.24 11.93 -9.28
CA PRO A 504 -0.88 10.52 -9.14
C PRO A 504 -2.06 9.64 -8.73
N ILE A 505 -1.94 8.32 -8.87
CA ILE A 505 -3.04 7.37 -8.77
C ILE A 505 -2.41 6.02 -8.40
N ALA A 506 -3.10 5.18 -7.62
CA ALA A 506 -2.50 3.88 -7.27
C ALA A 506 -3.46 2.65 -7.25
N LEU A 507 -3.21 1.70 -8.16
CA LEU A 507 -3.97 0.44 -8.26
C LEU A 507 -3.19 -0.76 -7.75
N GLY A 508 -3.88 -1.71 -7.11
CA GLY A 508 -3.20 -2.91 -6.64
C GLY A 508 -4.08 -4.14 -6.77
N VAL A 509 -3.79 -5.17 -5.99
CA VAL A 509 -4.43 -6.45 -6.20
C VAL A 509 -4.59 -7.25 -4.90
N GLN A 510 -5.46 -8.24 -4.93
CA GLN A 510 -5.56 -9.22 -3.86
C GLN A 510 -6.02 -10.55 -4.43
N GLY A 511 -5.79 -11.62 -3.66
CA GLY A 511 -6.21 -12.97 -4.04
C GLY A 511 -5.33 -13.68 -5.05
N LEU A 512 -4.06 -13.31 -5.09
CA LEU A 512 -3.09 -13.98 -5.97
C LEU A 512 -2.98 -15.46 -5.60
N ALA A 513 -2.80 -15.75 -4.31
CA ALA A 513 -2.62 -17.11 -3.82
C ALA A 513 -3.84 -17.95 -4.14
N ASP A 514 -5.02 -17.40 -3.88
CA ASP A 514 -6.27 -18.03 -4.27
C ASP A 514 -6.33 -18.25 -5.77
N THR A 515 -6.02 -17.23 -6.56
CA THR A 515 -5.93 -17.43 -8.02
C THR A 515 -5.01 -18.61 -8.37
N PHE A 516 -3.84 -18.69 -7.74
CA PHE A 516 -2.93 -19.79 -7.99
C PHE A 516 -3.57 -21.10 -7.52
N MET A 517 -4.06 -21.13 -6.29
CA MET A 517 -4.67 -22.35 -5.73
C MET A 517 -5.83 -22.86 -6.58
N LEU A 518 -6.66 -21.94 -7.06
CA LEU A 518 -7.85 -22.26 -7.78
C LEU A 518 -7.51 -22.80 -9.17
N LEU A 519 -6.39 -22.32 -9.72
CA LEU A 519 -5.98 -22.75 -11.05
C LEU A 519 -5.03 -23.94 -10.99
N ARG A 520 -4.85 -24.50 -9.79
CA ARG A 520 -4.07 -25.74 -9.59
C ARG A 520 -2.56 -25.60 -9.84
N LEU A 521 -2.09 -24.35 -9.71
CA LEU A 521 -0.68 -24.02 -9.87
C LEU A 521 -0.05 -23.80 -8.49
N PRO A 522 0.94 -24.64 -8.12
CA PRO A 522 1.75 -24.28 -6.94
C PRO A 522 2.41 -22.93 -7.15
N PHE A 523 2.68 -22.23 -6.05
CA PHE A 523 3.17 -20.84 -6.06
C PHE A 523 4.55 -20.74 -6.74
N ASP A 524 5.38 -21.76 -6.56
CA ASP A 524 6.71 -21.85 -7.20
C ASP A 524 6.75 -22.51 -8.59
N SER A 525 5.59 -22.82 -9.16
CA SER A 525 5.54 -23.35 -10.53
C SER A 525 5.96 -22.32 -11.60
N GLU A 526 6.46 -22.85 -12.70
CA GLU A 526 6.67 -22.07 -13.91
C GLU A 526 5.35 -21.43 -14.40
N GLU A 527 4.24 -22.16 -14.30
CA GLU A 527 2.95 -21.64 -14.74
C GLU A 527 2.51 -20.41 -13.92
N ALA A 528 2.78 -20.46 -12.61
CA ALA A 528 2.49 -19.34 -11.72
C ALA A 528 3.30 -18.09 -12.10
N ARG A 529 4.56 -18.30 -12.46
CA ARG A 529 5.44 -17.21 -12.86
C ARG A 529 4.96 -16.45 -14.11
N LEU A 530 4.60 -17.19 -15.16
CA LEU A 530 3.98 -16.61 -16.36
C LEU A 530 2.68 -15.84 -16.07
N LEU A 531 1.88 -16.35 -15.14
CA LEU A 531 0.61 -15.70 -14.86
C LEU A 531 0.81 -14.33 -14.19
N ASN A 532 1.66 -14.31 -13.15
CA ASN A 532 2.09 -13.08 -12.49
C ASN A 532 2.43 -12.00 -13.50
N ILE A 533 3.31 -12.34 -14.44
CA ILE A 533 3.72 -11.37 -15.46
C ILE A 533 2.58 -10.84 -16.33
N GLN A 534 1.64 -11.72 -16.67
CA GLN A 534 0.58 -11.33 -17.62
C GLN A 534 -0.42 -10.37 -16.95
N ILE A 535 -0.81 -10.72 -15.73
CA ILE A 535 -1.74 -9.92 -14.96
C ILE A 535 -1.23 -8.47 -14.86
N PHE A 536 -0.01 -8.32 -14.36
CA PHE A 536 0.53 -6.99 -14.14
C PHE A 536 0.75 -6.20 -15.43
N GLU A 537 1.04 -6.90 -16.52
CA GLU A 537 1.13 -6.17 -17.78
C GLU A 537 -0.22 -5.59 -18.21
N THR A 538 -1.28 -6.38 -18.09
CA THR A 538 -2.54 -5.89 -18.60
C THR A 538 -3.05 -4.70 -17.78
N ILE A 539 -2.87 -4.75 -16.45
CA ILE A 539 -3.26 -3.63 -15.55
C ILE A 539 -2.56 -2.31 -15.90
N TYR A 540 -1.24 -2.36 -16.11
CA TYR A 540 -0.51 -1.14 -16.43
C TYR A 540 -0.99 -0.53 -17.77
N HIS A 541 -1.08 -1.36 -18.81
CA HIS A 541 -1.46 -0.89 -20.15
C HIS A 541 -2.86 -0.28 -20.11
N ALA A 542 -3.78 -0.94 -19.40
CA ALA A 542 -5.14 -0.43 -19.29
C ALA A 542 -5.11 0.97 -18.72
N SER A 543 -4.49 1.13 -17.56
CA SER A 543 -4.51 2.41 -16.86
C SER A 543 -3.90 3.56 -17.68
N MET A 544 -2.82 3.29 -18.41
CA MET A 544 -2.21 4.33 -19.22
C MET A 544 -3.13 4.83 -20.34
N GLU A 545 -3.90 3.93 -20.92
CA GLU A 545 -4.78 4.25 -22.04
C GLU A 545 -5.95 5.08 -21.56
N ALA A 546 -6.51 4.69 -20.42
CA ALA A 546 -7.65 5.40 -19.87
C ALA A 546 -7.18 6.82 -19.58
N SER A 547 -6.01 6.95 -18.96
CA SER A 547 -5.40 8.23 -18.65
C SER A 547 -5.12 9.07 -19.90
N CYS A 548 -4.83 8.42 -21.01
CA CYS A 548 -4.61 9.14 -22.28
C CYS A 548 -5.90 9.79 -22.83
N GLU A 549 -7.01 9.05 -22.77
CA GLU A 549 -8.32 9.59 -23.20
C GLU A 549 -8.73 10.80 -22.38
N LEU A 550 -8.44 10.77 -21.09
CA LEU A 550 -8.71 11.90 -20.19
C LEU A 550 -7.93 13.18 -20.56
N ALA A 551 -6.66 13.00 -20.90
CA ALA A 551 -5.85 14.09 -21.44
C ALA A 551 -6.38 14.64 -22.77
N GLN A 552 -7.24 13.90 -23.46
CA GLN A 552 -7.87 14.49 -24.65
C GLN A 552 -9.06 15.43 -24.34
N LYS A 553 -9.93 15.03 -23.41
CA LYS A 553 -11.08 15.86 -22.99
C LYS A 553 -10.61 17.13 -22.30
N ASP A 554 -10.08 16.94 -21.10
CA ASP A 554 -9.41 17.98 -20.32
C ASP A 554 -7.96 17.87 -20.75
N GLY A 555 -7.13 18.90 -20.55
CA GLY A 555 -5.73 18.79 -21.00
C GLY A 555 -4.88 17.68 -20.34
N PRO A 556 -3.58 17.61 -20.68
CA PRO A 556 -2.66 16.80 -19.84
C PRO A 556 -2.48 17.43 -18.45
N TYR A 557 -1.90 16.71 -17.49
CA TYR A 557 -1.63 17.29 -16.17
C TYR A 557 -0.57 18.36 -16.41
N GLU A 558 -0.60 19.49 -15.71
CA GLU A 558 0.22 20.62 -16.19
C GLU A 558 1.73 20.45 -16.06
N THR A 559 2.15 19.32 -15.52
CA THR A 559 3.55 19.09 -15.27
C THR A 559 4.12 18.07 -16.30
N PHE A 560 3.27 17.74 -17.28
CA PHE A 560 3.55 16.72 -18.28
C PHE A 560 4.73 17.03 -19.21
N GLN A 561 4.79 18.26 -19.71
CA GLN A 561 5.91 18.74 -20.51
C GLN A 561 7.23 18.49 -19.82
N GLY A 562 8.08 17.65 -20.42
CA GLY A 562 9.39 17.35 -19.87
C GLY A 562 9.53 15.97 -19.23
N SER A 563 8.43 15.26 -19.02
CA SER A 563 8.47 13.94 -18.37
C SER A 563 8.99 12.78 -19.24
N PRO A 564 9.58 11.74 -18.61
CA PRO A 564 9.88 10.53 -19.39
C PRO A 564 8.70 10.09 -20.29
N ALA A 565 7.47 10.26 -19.83
CA ALA A 565 6.31 9.90 -20.63
C ALA A 565 6.20 10.82 -21.84
N SER A 566 6.44 12.12 -21.64
CA SER A 566 6.34 13.08 -22.75
C SER A 566 7.25 12.73 -23.96
N GLN A 567 8.32 11.96 -23.71
CA GLN A 567 9.23 11.54 -24.76
C GLN A 567 9.04 10.10 -25.22
N GLY A 568 8.05 9.40 -24.68
CA GLY A 568 7.85 7.99 -25.01
C GLY A 568 8.61 6.97 -24.16
N ILE A 569 9.26 7.39 -23.08
CA ILE A 569 9.84 6.42 -22.13
C ILE A 569 8.81 6.02 -21.06
N LEU A 570 8.37 4.75 -21.09
CA LEU A 570 7.45 4.23 -20.08
C LEU A 570 8.21 3.37 -19.04
N GLN A 571 7.48 2.69 -18.15
CA GLN A 571 8.14 2.08 -17.00
C GLN A 571 9.13 0.96 -17.34
N PHE A 572 8.69 -0.06 -18.07
CA PHE A 572 9.59 -1.18 -18.42
C PHE A 572 10.80 -0.68 -19.22
N ASP A 573 10.59 0.41 -19.95
CA ASP A 573 11.66 1.05 -20.66
C ASP A 573 12.82 1.38 -19.72
N MET A 574 12.52 2.01 -18.59
CA MET A 574 13.55 2.40 -17.64
C MET A 574 14.15 1.22 -16.86
N TRP A 575 13.63 0.01 -17.07
CA TRP A 575 14.30 -1.20 -16.60
C TRP A 575 15.09 -1.86 -17.75
N ASP A 576 15.16 -1.16 -18.88
CA ASP A 576 15.77 -1.70 -20.13
C ASP A 576 15.26 -3.11 -20.49
N GLN A 577 13.94 -3.26 -20.55
CA GLN A 577 13.34 -4.52 -20.90
C GLN A 577 12.29 -4.28 -21.96
N LYS A 578 12.04 -5.26 -22.80
CA LYS A 578 10.91 -5.16 -23.74
C LYS A 578 9.71 -5.76 -23.01
N PRO A 579 8.51 -5.20 -23.24
CA PRO A 579 7.32 -5.69 -22.55
C PRO A 579 6.99 -7.13 -22.94
N TYR A 580 6.31 -7.89 -22.08
CA TYR A 580 5.92 -9.26 -22.43
C TYR A 580 5.07 -9.36 -23.71
N GLY A 581 4.34 -8.29 -24.07
CA GLY A 581 3.73 -8.17 -25.38
C GLY A 581 2.25 -8.49 -25.62
N MET A 582 1.50 -8.88 -24.60
CA MET A 582 0.04 -9.04 -24.76
C MET A 582 -0.70 -7.86 -25.40
N TRP A 583 -0.25 -6.62 -25.14
CA TRP A 583 -0.99 -5.44 -25.61
C TRP A 583 -0.10 -4.57 -26.51
N ASP A 584 -0.72 -3.68 -27.28
CA ASP A 584 -0.01 -2.92 -28.31
C ASP A 584 0.56 -1.61 -27.75
N TRP A 585 1.81 -1.68 -27.31
CA TRP A 585 2.47 -0.54 -26.69
C TRP A 585 2.81 0.60 -27.64
N ASP A 586 3.11 0.29 -28.90
CA ASP A 586 3.51 1.35 -29.85
C ASP A 586 2.41 2.39 -30.09
N THR A 587 1.17 1.93 -30.26
CA THR A 587 0.06 2.83 -30.58
C THR A 587 -0.24 3.69 -29.35
N LEU A 588 -0.16 3.08 -28.17
CA LEU A 588 -0.32 3.80 -26.92
C LEU A 588 0.73 4.90 -26.77
N ARG A 589 1.99 4.55 -26.96
CA ARG A 589 3.05 5.54 -26.92
C ARG A 589 2.81 6.68 -27.93
N LYS A 590 2.34 6.33 -29.14
CA LYS A 590 2.09 7.33 -30.17
C LYS A 590 1.11 8.38 -29.67
N ASP A 591 -0.04 7.89 -29.20
CA ASP A 591 -1.12 8.73 -28.71
C ASP A 591 -0.70 9.61 -27.55
N ILE A 592 0.07 9.00 -26.62
CA ILE A 592 0.54 9.70 -25.42
C ILE A 592 1.44 10.89 -25.80
N MET A 593 2.44 10.64 -26.64
CA MET A 593 3.36 11.69 -27.09
C MET A 593 2.61 12.85 -27.74
N LYS A 594 1.51 12.52 -28.40
CA LYS A 594 0.70 13.50 -29.10
C LYS A 594 -0.21 14.29 -28.15
N HIS A 595 -1.06 13.60 -27.38
CA HIS A 595 -2.06 14.28 -26.55
C HIS A 595 -1.75 14.37 -25.04
N GLY A 596 -0.66 13.73 -24.61
CA GLY A 596 -0.34 13.67 -23.20
C GLY A 596 -1.15 12.62 -22.46
N VAL A 597 -1.06 12.69 -21.14
CA VAL A 597 -1.70 11.75 -20.26
C VAL A 597 -2.23 12.57 -19.06
N ARG A 598 -3.21 12.04 -18.32
CA ARG A 598 -3.86 12.82 -17.24
C ARG A 598 -3.16 12.68 -15.88
N ASN A 599 -2.45 11.59 -15.70
CA ASN A 599 -1.88 11.23 -14.42
C ASN A 599 -0.40 10.96 -14.51
N SER A 600 0.36 11.60 -13.62
CA SER A 600 1.79 11.40 -13.54
C SER A 600 2.17 9.96 -13.25
N LEU A 601 1.31 9.23 -12.51
CA LEU A 601 1.58 7.86 -12.04
C LEU A 601 0.28 7.08 -11.83
N THR A 602 0.35 5.73 -11.84
CA THR A 602 -0.86 4.89 -11.87
C THR A 602 -0.85 3.57 -11.04
N MET A 603 0.32 2.99 -10.77
CA MET A 603 0.38 1.63 -10.19
C MET A 603 1.14 1.53 -8.87
N ALA A 604 0.56 0.92 -7.85
CA ALA A 604 1.29 0.69 -6.60
C ALA A 604 0.67 -0.37 -5.69
N PRO A 605 0.88 -1.66 -6.01
CA PRO A 605 0.35 -2.78 -5.24
C PRO A 605 0.60 -2.67 -3.73
N MET A 606 -0.46 -2.78 -2.93
CA MET A 606 -0.42 -2.52 -1.46
C MET A 606 -0.69 -3.78 -0.60
N PRO A 607 -0.56 -3.66 0.74
CA PRO A 607 -0.81 -4.79 1.66
C PRO A 607 -2.25 -5.34 1.77
N THR A 608 -3.26 -4.55 1.43
CA THR A 608 -4.70 -4.96 1.53
C THR A 608 -5.06 -5.65 2.86
N ALA A 609 -4.40 -5.26 3.95
CA ALA A 609 -4.53 -6.00 5.20
C ALA A 609 -6.00 -6.14 5.71
N SER A 610 -6.83 -5.13 5.49
CA SER A 610 -8.25 -5.20 5.92
C SER A 610 -9.29 -5.38 4.79
N THR A 611 -9.04 -4.76 3.63
CA THR A 611 -9.91 -4.94 2.45
C THR A 611 -9.95 -6.37 1.92
N SER A 612 -8.81 -7.07 1.96
CA SER A 612 -8.76 -8.46 1.50
C SER A 612 -9.67 -9.42 2.30
N GLN A 613 -9.83 -9.22 3.60
CA GLN A 613 -10.69 -10.14 4.35
C GLN A 613 -12.17 -9.81 4.26
N ILE A 614 -12.49 -8.53 3.98
CA ILE A 614 -13.84 -8.09 3.58
C ILE A 614 -14.33 -8.93 2.39
N LEU A 615 -13.48 -9.06 1.38
CA LEU A 615 -13.76 -9.88 0.19
C LEU A 615 -13.47 -11.39 0.37
N GLY A 616 -12.76 -11.78 1.43
CA GLY A 616 -12.50 -13.18 1.73
C GLY A 616 -11.30 -13.86 1.06
N TYR A 617 -10.50 -13.09 0.34
CA TYR A 617 -9.28 -13.59 -0.30
C TYR A 617 -8.03 -13.41 0.59
N ASN A 618 -6.98 -14.12 0.23
CA ASN A 618 -5.71 -14.06 0.93
C ASN A 618 -5.07 -12.72 0.71
N GLU A 619 -4.38 -12.26 1.73
CA GLU A 619 -3.77 -10.94 1.70
C GLU A 619 -2.83 -10.79 0.54
N CYS A 620 -3.10 -9.85 -0.34
CA CYS A 620 -2.00 -9.36 -1.14
C CYS A 620 -1.69 -10.35 -2.22
N PHE A 621 -0.40 -10.34 -2.54
CA PHE A 621 0.19 -11.11 -3.59
C PHE A 621 1.17 -12.07 -2.92
N GLU A 622 0.87 -12.47 -1.70
CA GLU A 622 1.73 -13.42 -0.98
C GLU A 622 1.06 -14.77 -0.79
N PRO A 623 1.87 -15.80 -0.64
CA PRO A 623 1.36 -17.16 -0.45
C PRO A 623 0.67 -17.28 0.89
N VAL A 624 0.06 -18.42 1.15
CA VAL A 624 -0.59 -18.60 2.44
C VAL A 624 0.44 -18.80 3.56
N THR A 625 0.12 -18.27 4.74
CA THR A 625 0.97 -18.43 5.93
C THR A 625 0.70 -19.78 6.60
N SER A 626 -0.55 -20.23 6.50
CA SER A 626 -0.99 -21.48 7.12
C SER A 626 -2.23 -22.04 6.40
N ASN A 627 -2.37 -23.37 6.43
CA ASN A 627 -3.55 -24.03 5.86
C ASN A 627 -4.70 -24.05 6.86
N MET A 628 -4.50 -23.33 7.96
CA MET A 628 -5.48 -23.25 9.02
C MET A 628 -5.31 -21.97 9.86
N TYR A 629 -6.23 -21.04 9.67
CA TYR A 629 -6.22 -19.78 10.41
C TYR A 629 -7.07 -19.86 11.69
N GLN A 639 -11.04 -22.97 15.08
CA GLN A 639 -10.16 -22.66 13.96
C GLN A 639 -10.77 -23.05 12.61
N VAL A 640 -10.31 -22.41 11.53
CA VAL A 640 -10.88 -22.59 10.18
C VAL A 640 -9.80 -22.97 9.15
N VAL A 641 -10.07 -24.06 8.44
CA VAL A 641 -9.12 -24.70 7.52
C VAL A 641 -9.21 -24.12 6.10
N ASN A 642 -8.08 -24.07 5.41
CA ASN A 642 -8.02 -23.72 3.99
C ASN A 642 -9.19 -24.38 3.24
N PRO A 643 -10.09 -23.56 2.67
CA PRO A 643 -11.25 -24.11 1.94
C PRO A 643 -10.90 -24.90 0.65
N TYR A 644 -9.76 -24.61 0.03
CA TYR A 644 -9.35 -25.40 -1.14
C TYR A 644 -8.74 -26.71 -0.69
N LEU A 645 -7.83 -26.67 0.28
CA LEU A 645 -7.35 -27.88 0.92
C LEU A 645 -8.51 -28.73 1.44
N LEU A 646 -9.35 -28.15 2.30
CA LEU A 646 -10.45 -28.89 2.92
C LEU A 646 -11.22 -29.75 1.92
N ARG A 647 -11.70 -29.11 0.86
CA ARG A 647 -12.42 -29.78 -0.21
C ARG A 647 -11.68 -31.03 -0.71
N ASP A 648 -10.38 -30.88 -0.94
CA ASP A 648 -9.55 -31.92 -1.54
C ASP A 648 -9.40 -33.18 -0.68
N LEU A 649 -9.31 -33.01 0.64
CA LEU A 649 -9.13 -34.14 1.55
C LEU A 649 -10.37 -35.04 1.69
N VAL A 650 -11.54 -34.42 1.53
CA VAL A 650 -12.82 -35.11 1.50
C VAL A 650 -12.94 -35.92 0.19
N ASP A 651 -12.72 -35.26 -0.96
CA ASP A 651 -12.64 -35.90 -2.29
C ASP A 651 -11.85 -37.22 -2.31
N LEU A 652 -10.80 -37.29 -1.49
CA LEU A 652 -9.88 -38.42 -1.46
C LEU A 652 -10.22 -39.39 -0.33
N GLY A 653 -11.25 -39.04 0.45
CA GLY A 653 -11.69 -39.86 1.58
C GLY A 653 -10.87 -39.68 2.84
N ILE A 654 -9.55 -39.63 2.67
CA ILE A 654 -8.56 -39.65 3.76
C ILE A 654 -8.86 -38.73 4.95
N TRP A 655 -9.68 -37.70 4.73
CA TRP A 655 -10.10 -36.78 5.80
C TRP A 655 -10.93 -37.49 6.87
N ASP A 656 -10.40 -37.59 8.08
CA ASP A 656 -11.15 -38.18 9.22
C ASP A 656 -10.99 -37.46 10.59
N GLU A 657 -10.22 -38.07 11.49
CA GLU A 657 -9.94 -37.47 12.79
C GLU A 657 -8.44 -37.44 13.04
N GLY A 658 -7.74 -38.44 12.49
CA GLY A 658 -6.28 -38.41 12.44
C GLY A 658 -5.88 -37.20 11.61
N MET A 659 -6.77 -36.84 10.69
CA MET A 659 -6.60 -35.70 9.79
C MET A 659 -6.91 -34.37 10.45
N LYS A 660 -7.91 -34.36 11.32
CA LYS A 660 -8.22 -33.16 12.06
C LYS A 660 -7.02 -32.76 12.91
N GLN A 661 -6.36 -33.77 13.50
CA GLN A 661 -5.36 -33.54 14.55
C GLN A 661 -3.99 -33.07 14.07
N TYR A 662 -3.38 -33.84 13.16
CA TYR A 662 -2.03 -33.57 12.64
C TYR A 662 -1.96 -32.26 11.83
N LEU A 663 -3.03 -31.48 11.86
CA LEU A 663 -3.06 -30.20 11.18
C LEU A 663 -2.98 -29.07 12.20
N ILE A 664 -3.63 -29.26 13.33
CA ILE A 664 -3.48 -28.39 14.50
C ILE A 664 -2.17 -28.72 15.22
N THR A 665 -1.71 -29.96 15.07
CA THR A 665 -0.43 -30.39 15.62
C THR A 665 0.72 -29.83 14.79
N GLN A 666 0.70 -30.09 13.48
CA GLN A 666 1.80 -29.67 12.60
C GLN A 666 1.74 -28.21 12.17
N ASN A 667 0.88 -27.45 12.86
CA ASN A 667 0.88 -26.01 12.74
C ASN A 667 0.52 -25.54 11.32
N GLY A 668 -0.43 -26.22 10.70
CA GLY A 668 -0.89 -25.89 9.34
C GLY A 668 -0.12 -26.52 8.19
N SER A 669 0.83 -27.39 8.49
CA SER A 669 1.65 -28.06 7.47
C SER A 669 1.09 -29.45 7.10
N ILE A 670 0.95 -29.69 5.80
CA ILE A 670 0.56 -31.02 5.30
C ILE A 670 1.72 -31.85 4.78
N GLN A 671 2.92 -31.27 4.73
CA GLN A 671 4.11 -32.02 4.36
C GLN A 671 4.34 -33.11 5.42
N GLY A 672 5.01 -34.20 5.03
CA GLY A 672 5.35 -35.30 5.95
C GLY A 672 4.17 -35.92 6.67
N LEU A 673 3.02 -35.90 6.01
CA LEU A 673 1.79 -36.46 6.55
C LEU A 673 1.55 -37.82 5.85
N PRO A 674 1.59 -38.93 6.62
CA PRO A 674 1.59 -40.31 6.10
C PRO A 674 0.77 -40.60 4.83
N ASN A 675 -0.53 -40.34 4.83
CA ASN A 675 -1.39 -40.83 3.75
C ASN A 675 -1.97 -39.73 2.83
N VAL A 676 -1.09 -38.89 2.29
CA VAL A 676 -1.48 -37.69 1.52
C VAL A 676 -0.65 -37.56 0.24
N PRO A 677 -1.30 -37.43 -0.94
CA PRO A 677 -0.64 -37.38 -2.26
C PRO A 677 0.29 -36.20 -2.45
N GLN A 678 1.27 -36.39 -3.32
CA GLN A 678 2.31 -35.42 -3.55
C GLN A 678 1.81 -34.10 -4.14
N GLU A 679 0.93 -34.15 -5.13
CA GLU A 679 0.50 -32.93 -5.80
C GLU A 679 -0.18 -31.98 -4.81
N LEU A 680 -0.77 -32.55 -3.76
CA LEU A 680 -1.40 -31.74 -2.71
C LEU A 680 -0.36 -31.06 -1.84
N LYS A 681 0.57 -31.85 -1.28
CA LYS A 681 1.76 -31.30 -0.66
C LYS A 681 2.38 -30.13 -1.46
N ASP A 682 2.45 -30.27 -2.77
CA ASP A 682 3.01 -29.25 -3.64
C ASP A 682 2.20 -27.96 -3.76
N LEU A 683 0.88 -28.10 -3.78
CA LEU A 683 -0.01 -26.97 -4.00
C LEU A 683 -0.24 -26.21 -2.69
N TYR A 684 -0.12 -26.91 -1.56
CA TYR A 684 -0.44 -26.30 -0.28
C TYR A 684 0.80 -26.08 0.59
N LYS A 685 1.90 -25.70 -0.05
CA LYS A 685 3.06 -25.20 0.67
C LYS A 685 2.68 -23.91 1.38
N THR A 686 2.94 -23.94 2.68
CA THR A 686 2.95 -22.78 3.56
C THR A 686 4.13 -21.91 3.18
N VAL A 687 4.01 -20.59 3.33
CA VAL A 687 5.11 -19.66 2.97
C VAL A 687 6.49 -19.92 3.65
N TRP A 688 6.47 -20.62 4.80
CA TRP A 688 7.68 -21.06 5.51
C TRP A 688 8.26 -22.28 4.84
N GLU A 689 7.61 -22.74 3.78
CA GLU A 689 8.06 -23.91 3.06
C GLU A 689 8.46 -23.58 1.62
N ILE A 690 8.29 -22.32 1.21
CA ILE A 690 8.67 -21.84 -0.13
C ILE A 690 9.97 -21.05 -0.03
N SER A 691 10.90 -21.24 -0.97
CA SER A 691 12.17 -20.54 -0.90
C SER A 691 11.99 -19.05 -1.16
N GLN A 692 12.60 -18.23 -0.31
CA GLN A 692 12.48 -16.77 -0.45
C GLN A 692 13.11 -16.23 -1.75
N LYS A 693 13.91 -17.07 -2.39
CA LYS A 693 14.50 -16.76 -3.70
C LYS A 693 13.43 -16.73 -4.78
N THR A 694 12.46 -17.63 -4.66
CA THR A 694 11.35 -17.68 -5.59
C THR A 694 10.58 -16.38 -5.44
N ILE A 695 10.20 -16.08 -4.19
CA ILE A 695 9.49 -14.85 -3.86
C ILE A 695 10.16 -13.62 -4.52
N ILE A 696 11.47 -13.46 -4.29
CA ILE A 696 12.14 -12.27 -4.81
C ILE A 696 11.97 -12.20 -6.33
N ASN A 697 12.08 -13.36 -7.01
CA ASN A 697 12.02 -13.39 -8.48
C ASN A 697 10.70 -12.88 -9.02
N MET A 698 9.63 -13.34 -8.40
CA MET A 698 8.32 -12.91 -8.81
C MET A 698 8.08 -11.40 -8.59
N ALA A 699 8.55 -10.87 -7.47
CA ALA A 699 8.55 -9.43 -7.25
C ALA A 699 9.34 -8.69 -8.33
N ALA A 700 10.53 -9.19 -8.66
CA ALA A 700 11.34 -8.58 -9.71
C ALA A 700 10.59 -8.59 -11.02
N ASP A 701 9.89 -9.69 -11.33
CA ASP A 701 9.19 -9.83 -12.60
C ASP A 701 8.09 -8.78 -12.76
N ARG A 702 7.16 -8.70 -11.81
CA ARG A 702 6.06 -7.72 -11.89
C ARG A 702 6.46 -6.24 -11.82
N SER A 703 7.57 -5.95 -11.15
CA SER A 703 8.03 -4.56 -10.90
C SER A 703 8.27 -3.67 -12.13
N VAL A 704 8.57 -4.28 -13.27
CA VAL A 704 8.76 -3.54 -14.52
C VAL A 704 7.44 -2.93 -15.03
N TYR A 705 6.34 -3.36 -14.45
CA TYR A 705 5.02 -2.90 -14.83
C TYR A 705 4.45 -1.97 -13.76
N ILE A 706 5.24 -1.67 -12.73
CA ILE A 706 4.84 -0.81 -11.63
C ILE A 706 5.58 0.54 -11.62
N ASP A 707 4.87 1.56 -12.07
CA ASP A 707 5.09 2.99 -11.85
C ASP A 707 5.75 3.43 -10.54
N GLN A 708 5.29 2.83 -9.44
CA GLN A 708 5.68 3.16 -8.10
C GLN A 708 6.43 1.96 -7.48
N SER A 709 5.98 1.39 -6.34
CA SER A 709 6.67 0.21 -5.76
C SER A 709 5.70 -0.83 -5.18
N HIS A 710 6.18 -1.79 -4.37
CA HIS A 710 5.27 -2.70 -3.66
C HIS A 710 5.73 -3.39 -2.35
N SER A 711 4.74 -3.74 -1.52
CA SER A 711 4.96 -4.11 -0.11
C SER A 711 5.43 -5.57 0.10
N LEU A 712 6.74 -5.79 0.06
CA LEU A 712 7.30 -7.15 0.07
C LEU A 712 7.72 -7.68 1.47
N ASN A 713 6.83 -8.41 2.15
CA ASN A 713 7.20 -9.15 3.38
C ASN A 713 8.14 -10.31 3.10
N LEU A 714 8.95 -10.68 4.10
CA LEU A 714 9.85 -11.84 4.01
C LEU A 714 9.71 -12.80 5.21
N PHE A 715 9.86 -14.11 4.97
CA PHE A 715 9.55 -15.14 5.97
C PHE A 715 10.67 -16.17 6.16
N LEU A 716 11.02 -16.49 7.40
CA LEU A 716 12.14 -17.42 7.74
C LEU A 716 11.94 -18.30 9.00
N ARG A 717 12.26 -19.59 8.87
CA ARG A 717 12.20 -20.59 9.96
C ARG A 717 13.14 -20.37 11.15
N ALA A 718 14.42 -20.72 10.97
CA ALA A 718 15.42 -20.64 12.04
C ALA A 718 16.56 -19.69 11.63
N PRO A 719 16.25 -18.38 11.58
CA PRO A 719 17.01 -17.40 10.81
C PRO A 719 18.43 -17.16 11.34
N THR A 720 19.42 -17.32 10.46
CA THR A 720 20.80 -17.02 10.81
C THR A 720 21.22 -15.74 10.10
N MET A 721 22.25 -15.08 10.63
CA MET A 721 22.77 -13.84 10.07
C MET A 721 23.08 -14.01 8.59
N GLY A 722 23.64 -15.17 8.23
CA GLY A 722 23.99 -15.46 6.85
C GLY A 722 22.77 -15.63 5.99
N LYS A 723 21.77 -16.33 6.51
CA LYS A 723 20.51 -16.52 5.80
C LYS A 723 19.90 -15.18 5.34
N LEU A 724 19.78 -14.23 6.26
CA LEU A 724 19.26 -12.91 5.97
C LEU A 724 20.08 -12.10 5.00
N THR A 725 21.40 -12.15 5.17
CA THR A 725 22.30 -11.37 4.35
C THR A 725 22.09 -11.67 2.87
N SER A 726 21.92 -12.96 2.56
CA SER A 726 21.84 -13.33 1.16
C SER A 726 20.49 -12.93 0.59
N MET A 727 19.45 -13.03 1.39
CA MET A 727 18.15 -12.55 0.92
C MET A 727 18.10 -11.02 0.67
N HIS A 728 18.74 -10.21 1.49
CA HIS A 728 18.82 -8.78 1.18
C HIS A 728 19.56 -8.46 -0.13
N PHE A 729 20.76 -9.01 -0.25
CA PHE A 729 21.60 -8.73 -1.40
C PHE A 729 20.97 -9.24 -2.69
N TYR A 730 20.38 -10.41 -2.62
CA TYR A 730 19.68 -10.98 -3.76
C TYR A 730 18.64 -10.00 -4.35
N GLY A 731 17.74 -9.50 -3.49
CA GLY A 731 16.73 -8.52 -3.86
C GLY A 731 17.33 -7.23 -4.40
N TRP A 732 18.32 -6.69 -3.67
CA TRP A 732 18.98 -5.46 -4.13
C TRP A 732 19.43 -5.64 -5.57
N LYS A 733 20.08 -6.77 -5.86
CA LYS A 733 20.69 -7.00 -7.19
C LYS A 733 19.65 -7.19 -8.31
N LYS A 734 18.48 -7.73 -7.96
CA LYS A 734 17.38 -7.75 -8.91
C LYS A 734 16.88 -6.34 -9.31
N GLY A 735 17.28 -5.31 -8.57
CA GLY A 735 16.93 -3.92 -8.90
C GLY A 735 15.62 -3.45 -8.27
N LEU A 736 15.18 -4.17 -7.22
CA LEU A 736 13.94 -3.85 -6.51
C LEU A 736 13.97 -2.46 -5.89
N LYS A 737 12.81 -1.83 -5.83
CA LYS A 737 12.70 -0.59 -5.10
C LYS A 737 12.58 -0.92 -3.60
N THR A 738 11.57 -1.71 -3.24
CA THR A 738 11.37 -2.15 -1.87
C THR A 738 11.95 -3.54 -1.65
N GLY A 739 13.11 -3.59 -1.01
CA GLY A 739 13.77 -4.86 -0.70
C GLY A 739 13.13 -5.64 0.43
N MET A 740 12.72 -4.98 1.50
CA MET A 740 12.03 -5.66 2.60
C MET A 740 11.01 -4.77 3.28
N TYR A 741 9.83 -5.34 3.52
CA TYR A 741 8.81 -4.74 4.34
C TYR A 741 9.02 -5.37 5.72
N TYR A 742 8.11 -6.18 6.27
CA TYR A 742 8.44 -6.89 7.54
C TYR A 742 9.39 -8.08 7.40
N LEU A 743 9.88 -8.58 8.54
CA LEU A 743 10.57 -9.86 8.65
C LEU A 743 9.84 -10.67 9.70
N ARG A 744 9.12 -11.72 9.30
CA ARG A 744 8.41 -12.57 10.26
C ARG A 744 9.21 -13.85 10.47
N THR A 745 9.19 -14.38 11.69
CA THR A 745 10.20 -15.37 12.07
C THR A 745 9.67 -16.66 12.74
N GLN A 746 10.61 -17.56 13.07
CA GLN A 746 10.36 -18.86 13.75
C GLN A 746 9.57 -19.87 12.92
MG MG B . 17.41 28.74 12.05
PG DGT C . 21.03 27.88 13.65
O1G DGT C . 21.71 29.19 13.32
O2G DGT C . 19.90 27.57 12.69
O3G DGT C . 21.99 26.75 13.99
O3B DGT C . 20.36 28.11 15.11
PB DGT C . 18.85 28.64 15.35
O1B DGT C . 18.23 29.16 14.07
O2B DGT C . 18.91 29.53 16.59
O3A DGT C . 18.10 27.29 15.83
PA DGT C . 16.94 26.53 15.00
O1A DGT C . 17.20 26.82 13.54
O2A DGT C . 15.60 26.83 15.64
O5' DGT C . 17.33 25.02 15.35
C5' DGT C . 18.26 24.35 14.54
C4' DGT C . 18.34 22.90 15.01
O4' DGT C . 18.76 22.86 16.36
C3' DGT C . 17.02 22.13 14.92
O3' DGT C . 17.24 20.90 14.23
C2' DGT C . 16.67 21.83 16.35
C1' DGT C . 17.93 22.02 17.15
N9 DGT C . 17.58 22.75 18.38
C8 DGT C . 17.56 24.09 18.48
N7 DGT C . 17.18 24.47 19.72
C5 DGT C . 16.96 23.35 20.45
C6 DGT C . 16.52 23.05 21.85
O6 DGT C . 16.28 23.99 22.65
N1 DGT C . 16.41 21.75 22.22
C2 DGT C . 16.66 20.74 21.35
N2 DGT C . 16.52 19.48 21.80
N3 DGT C . 17.07 20.93 20.06
C4 DGT C . 17.23 22.21 19.56
PB ADP D . -6.74 -1.19 3.59
O1B ADP D . -6.90 -2.62 3.11
O2B ADP D . -7.01 -0.14 2.53
O3B ADP D . -7.47 -0.95 4.89
PA ADP D . -3.79 -1.50 3.23
O1A ADP D . -2.87 -2.13 4.26
O2A ADP D . -4.07 -2.24 1.94
O3A ADP D . -5.16 -1.04 4.01
O5' ADP D . -3.19 -0.11 2.71
C5' ADP D . -1.96 0.45 3.19
C4' ADP D . -2.05 1.96 3.03
O4' ADP D . -3.06 2.50 3.90
C3' ADP D . -0.73 2.62 3.37
O3' ADP D . -0.24 3.31 2.21
C2' ADP D . -1.02 3.55 4.55
O2' ADP D . -0.82 4.95 4.21
C1' ADP D . -2.47 3.23 4.97
N9 ADP D . -2.49 2.42 6.23
C8 ADP D . -2.46 1.07 6.35
N7 ADP D . -2.50 0.68 7.65
C5 ADP D . -2.56 1.79 8.40
C6 ADP D . -2.63 2.12 9.86
N6 ADP D . -2.64 1.15 10.79
N1 ADP D . -2.69 3.43 10.22
C2 ADP D . -2.69 4.43 9.31
N3 ADP D . -2.63 4.21 7.98
C4 ADP D . -2.57 2.94 7.47
#